data_6J87
#
_entry.id   6J87
#
_cell.length_a   49.212
_cell.length_b   155.029
_cell.length_c   56.556
_cell.angle_alpha   90.00
_cell.angle_beta   115.54
_cell.angle_gamma   90.00
#
_symmetry.space_group_name_H-M   'P 1 21 1'
#
loop_
_entity.id
_entity.type
_entity.pdbx_description
1 polymer 'Nocardicin N-oxygenase'
2 non-polymer 'PROTOPORPHYRIN IX CONTAINING FE'
3 non-polymer 'NITRIC OXIDE'
4 non-polymer N-[(2S)-1-hydroxy-3-(1H-indol-3-yl)propan-2-yl]-Nalpha-methyl-L-phenylalaninamide
5 water water
#
_entity_poly.entity_id   1
_entity_poly.type   'polypeptide(L)'
_entity_poly.pdbx_seq_one_letter_code
;MGSSHHHHHHSSGLVPRGSHMTGTPAPVRYPFGEAVRLDLHPTYAELRERRTLLRVRVPHGDDAWLVTRHEDVRTVLTDP
RFSRAAAAGRDEARLTPLVIRTSVMGVDPPDHTRLRRLVATAFSRRGVEHLRPGITALVRRLTDDMVGQGPPVDLVRSFV
TPLSGLVICDLLGVPYADRSRFRHWLEAFFSITALPADEVAVRIEAMYGYIAELVALRRAEPTEDLLGGLVRARDRDGSC
SEEELVDLANVLLLAGYHTTASQLASSLFVLLTQPEHAELLRSRPELAPRAVEELLRYVPLIAHVTFARYATEDVWLGGT
LVRAGEAVLPAVPSANRDAEVFDEPDRLDLTRRHNPHLAFGHGLHHCLGASLVRVQMEVALTMLLGRFPDLALAAPPDEV
PWTRGMQARSPLRLPVTWGGGERAAAAVGADRGAG
;
_entity_poly.pdbx_strand_id   A,B
#
# COMPACT_ATOMS: atom_id res chain seq x y z
N THR A 24 11.90 16.91 -7.18
CA THR A 24 10.77 16.01 -7.36
C THR A 24 10.57 15.69 -8.85
N PRO A 25 9.92 14.56 -9.16
CA PRO A 25 9.63 14.25 -10.56
C PRO A 25 8.64 15.22 -11.17
N ALA A 26 8.62 15.23 -12.50
CA ALA A 26 7.64 16.03 -13.23
C ALA A 26 6.23 15.59 -12.84
N PRO A 27 5.32 16.53 -12.58
CA PRO A 27 3.99 16.14 -12.07
C PRO A 27 3.07 15.71 -13.20
N VAL A 28 2.48 14.53 -13.05
CA VAL A 28 1.50 14.01 -13.99
C VAL A 28 0.16 14.66 -13.72
N ARG A 29 -0.60 14.91 -14.77
CA ARG A 29 -1.95 15.42 -14.61
C ARG A 29 -2.78 14.47 -13.76
N TYR A 30 -3.56 15.03 -12.82
CA TYR A 30 -4.53 14.22 -12.12
C TYR A 30 -5.84 15.02 -12.06
N PRO A 31 -7.00 14.41 -12.36
CA PRO A 31 -7.28 13.01 -12.72
C PRO A 31 -6.64 12.50 -14.03
N PHE A 32 -6.45 11.17 -14.11
CA PHE A 32 -6.00 10.50 -15.33
C PHE A 32 -7.04 10.57 -16.44
N GLY A 33 -8.23 11.04 -16.14
CA GLY A 33 -9.36 11.07 -17.06
C GLY A 33 -10.64 11.12 -16.28
N GLU A 34 -11.72 11.42 -16.98
CA GLU A 34 -13.03 11.38 -16.36
C GLU A 34 -13.33 9.95 -15.87
N ALA A 35 -13.89 9.84 -14.66
CA ALA A 35 -14.31 8.54 -14.15
C ALA A 35 -15.48 8.03 -14.96
N VAL A 36 -15.32 6.88 -15.60
CA VAL A 36 -16.33 6.34 -16.51
C VAL A 36 -17.07 5.21 -15.81
N ARG A 37 -18.41 5.32 -15.76
CA ARG A 37 -19.24 4.37 -15.04
C ARG A 37 -18.61 4.05 -13.70
N LEU A 38 -18.28 2.78 -13.48
CA LEU A 38 -17.61 2.32 -12.26
C LEU A 38 -16.21 1.79 -12.51
N ASP A 39 -15.64 2.04 -13.70
CA ASP A 39 -14.33 1.51 -14.05
C ASP A 39 -13.22 2.33 -13.43
N LEU A 40 -12.27 1.66 -12.80
CA LEU A 40 -11.07 2.30 -12.32
C LEU A 40 -10.01 2.34 -13.43
N HIS A 41 -9.40 3.52 -13.60
CA HIS A 41 -8.29 3.67 -14.53
C HIS A 41 -7.20 2.66 -14.23
N PRO A 42 -6.49 2.17 -15.27
CA PRO A 42 -5.47 1.13 -15.05
C PRO A 42 -4.23 1.61 -14.34
N THR A 43 -3.97 2.92 -14.26
CA THR A 43 -2.73 3.38 -13.65
C THR A 43 -2.72 3.12 -12.14
N TYR A 44 -3.88 3.17 -11.49
CA TYR A 44 -3.93 2.89 -10.05
C TYR A 44 -3.30 1.55 -9.71
N ALA A 45 -3.70 0.48 -10.42
CA ALA A 45 -3.12 -0.85 -10.21
C ALA A 45 -1.61 -0.86 -10.43
N GLU A 46 -1.12 -0.18 -11.48
CA GLU A 46 0.33 -0.09 -11.69
C GLU A 46 1.01 0.64 -10.54
N LEU A 47 0.38 1.71 -10.02
CA LEU A 47 0.96 2.43 -8.88
C LEU A 47 1.04 1.54 -7.64
N ARG A 48 -0.02 0.77 -7.36
CA ARG A 48 0.06 -0.21 -6.27
C ARG A 48 1.23 -1.17 -6.45
N GLU A 49 1.38 -1.71 -7.66
CA GLU A 49 2.48 -2.59 -7.97
C GLU A 49 3.83 -1.88 -7.84
N ARG A 50 3.89 -0.62 -8.28
CA ARG A 50 5.15 0.12 -8.18
C ARG A 50 5.55 0.37 -6.73
N ARG A 51 4.59 0.41 -5.80
CA ARG A 51 4.88 0.70 -4.38
C ARG A 51 5.51 2.09 -4.20
N THR A 52 5.08 3.04 -5.04
CA THR A 52 5.56 4.41 -5.01
C THR A 52 4.39 5.39 -5.06
N LEU A 53 4.56 6.51 -4.39
CA LEU A 53 3.69 7.65 -4.63
C LEU A 53 3.98 8.23 -6.01
N LEU A 54 2.99 8.93 -6.54
CA LEU A 54 3.06 9.62 -7.82
C LEU A 54 2.85 11.11 -7.57
N ARG A 55 3.85 11.93 -7.91
CA ARG A 55 3.71 13.39 -7.88
C ARG A 55 2.76 13.84 -8.99
N VAL A 56 1.67 14.52 -8.63
CA VAL A 56 0.63 14.86 -9.58
C VAL A 56 0.30 16.35 -9.50
N ARG A 57 -0.49 16.80 -10.46
CA ARG A 57 -0.86 18.19 -10.65
C ARG A 57 -2.36 18.20 -10.84
N VAL A 58 -3.09 18.79 -9.90
CA VAL A 58 -4.54 18.65 -9.83
C VAL A 58 -5.20 19.88 -10.46
N PRO A 59 -6.51 19.86 -10.73
CA PRO A 59 -7.13 21.06 -11.31
C PRO A 59 -6.94 22.33 -10.49
N HIS A 60 -6.86 22.23 -9.16
CA HIS A 60 -6.76 23.43 -8.33
C HIS A 60 -5.89 23.13 -7.11
N GLY A 61 -5.22 24.15 -6.61
CA GLY A 61 -4.44 24.03 -5.40
C GLY A 61 -3.01 23.61 -5.64
N ASP A 62 -2.31 23.32 -4.53
CA ASP A 62 -0.94 22.88 -4.61
C ASP A 62 -0.84 21.56 -5.39
N ASP A 63 0.38 21.16 -5.69
CA ASP A 63 0.64 19.83 -6.19
C ASP A 63 0.63 18.83 -5.03
N ALA A 64 0.44 17.55 -5.36
CA ALA A 64 0.34 16.56 -4.29
C ALA A 64 1.01 15.26 -4.70
N TRP A 65 1.08 14.33 -3.75
CA TRP A 65 1.49 12.97 -3.99
C TRP A 65 0.26 12.08 -3.96
N LEU A 66 0.02 11.35 -5.04
CA LEU A 66 -1.11 10.41 -5.09
C LEU A 66 -0.78 9.12 -4.35
N VAL A 67 -1.70 8.68 -3.47
CA VAL A 67 -1.50 7.51 -2.60
C VAL A 67 -2.52 6.46 -2.99
N THR A 68 -2.07 5.20 -3.16
CA THR A 68 -2.89 4.20 -3.85
C THR A 68 -2.95 2.82 -3.19
N ARG A 69 -2.04 2.49 -2.29
CA ARG A 69 -2.01 1.21 -1.61
C ARG A 69 -2.77 1.28 -0.29
N HIS A 70 -3.59 0.24 -0.04
CA HIS A 70 -4.40 0.14 1.17
C HIS A 70 -3.60 0.48 2.42
N GLU A 71 -2.38 -0.07 2.51
CA GLU A 71 -1.48 0.22 3.61
C GLU A 71 -1.12 1.71 3.66
N ASP A 72 -0.88 2.32 2.50
CA ASP A 72 -0.44 3.71 2.43
C ASP A 72 -1.60 4.69 2.65
N VAL A 73 -2.77 4.42 2.07
CA VAL A 73 -3.93 5.26 2.28
C VAL A 73 -4.38 5.23 3.74
N ARG A 74 -4.15 4.11 4.45
CA ARG A 74 -4.43 4.05 5.88
C ARG A 74 -3.55 5.02 6.66
N THR A 75 -2.24 5.02 6.34
CA THR A 75 -1.29 5.91 6.98
C THR A 75 -1.71 7.36 6.85
N VAL A 76 -2.00 7.80 5.62
CA VAL A 76 -2.24 9.23 5.43
C VAL A 76 -3.60 9.64 5.98
N LEU A 77 -4.58 8.72 5.97
CA LEU A 77 -5.91 9.06 6.48
C LEU A 77 -5.90 9.32 7.98
N THR A 78 -4.96 8.73 8.73
CA THR A 78 -5.06 8.75 10.18
C THR A 78 -3.75 8.97 10.94
N ASP A 79 -2.59 8.75 10.36
CA ASP A 79 -1.34 9.06 11.07
C ASP A 79 -1.39 10.51 11.55
N PRO A 80 -0.87 10.82 12.75
CA PRO A 80 -0.95 12.21 13.23
C PRO A 80 -0.06 13.16 12.46
N ARG A 81 1.10 12.70 11.99
CA ARG A 81 2.01 13.50 11.17
C ARG A 81 1.41 13.96 9.86
N PHE A 82 0.21 13.49 9.51
CA PHE A 82 -0.49 13.94 8.32
C PHE A 82 -1.73 14.70 8.76
N SER A 83 -1.69 16.01 8.60
CA SER A 83 -2.72 16.85 9.18
C SER A 83 -3.75 17.24 8.15
N ARG A 84 -4.95 17.49 8.64
CA ARG A 84 -6.05 18.01 7.85
C ARG A 84 -6.35 19.47 8.19
N ALA A 85 -6.03 19.90 9.40
CA ALA A 85 -6.10 21.32 9.75
C ALA A 85 -5.07 22.14 8.97
N ALA A 86 -3.88 21.56 8.73
CA ALA A 86 -2.80 22.30 8.08
C ALA A 86 -3.13 22.73 6.66
N ALA A 87 -4.18 22.17 6.07
CA ALA A 87 -4.63 22.48 4.72
C ALA A 87 -5.56 23.69 4.66
N ALA A 88 -6.02 24.20 5.80
CA ALA A 88 -6.84 25.40 5.76
C ALA A 88 -6.01 26.66 5.59
N GLY A 89 -4.74 26.61 6.00
CA GLY A 89 -3.84 27.71 5.76
C GLY A 89 -3.03 27.53 4.48
N ARG A 90 -3.66 26.89 3.49
CA ARG A 90 -3.02 26.59 2.24
C ARG A 90 -4.07 26.69 1.15
N ASP A 91 -3.61 26.76 -0.10
CA ASP A 91 -4.52 26.59 -1.23
C ASP A 91 -4.56 25.09 -1.53
N GLU A 92 -5.34 24.39 -0.70
CA GLU A 92 -5.53 22.93 -0.74
C GLU A 92 -5.46 22.34 -2.14
N ALA A 93 -4.52 21.44 -2.38
CA ALA A 93 -4.59 20.55 -3.54
C ALA A 93 -5.96 19.88 -3.59
N ARG A 94 -6.63 19.93 -4.74
CA ARG A 94 -8.02 19.52 -4.77
C ARG A 94 -8.51 19.52 -6.21
N LEU A 95 -9.69 18.93 -6.41
CA LEU A 95 -10.31 18.80 -7.73
C LEU A 95 -11.39 19.83 -7.99
N THR A 96 -12.00 20.40 -6.90
CA THR A 96 -13.07 21.39 -7.00
C THR A 96 -12.50 22.80 -7.20
N PRO A 97 -13.26 23.70 -7.84
CA PRO A 97 -12.79 25.09 -7.98
C PRO A 97 -12.57 25.81 -6.66
N LEU A 98 -13.50 25.71 -5.72
CA LEU A 98 -13.38 26.33 -4.41
C LEU A 98 -13.06 25.30 -3.33
N VAL A 99 -12.26 25.71 -2.34
CA VAL A 99 -12.10 24.90 -1.13
C VAL A 99 -13.45 24.79 -0.43
N ILE A 100 -13.85 23.55 -0.09
CA ILE A 100 -15.11 23.29 0.59
C ILE A 100 -14.87 23.31 2.09
N ARG A 101 -15.84 23.83 2.84
CA ARG A 101 -15.80 23.75 4.30
C ARG A 101 -16.24 22.36 4.74
N THR A 102 -15.35 21.62 5.40
CA THR A 102 -15.58 20.22 5.73
C THR A 102 -15.84 19.99 7.22
N SER A 103 -16.07 21.08 7.97
CA SER A 103 -16.46 21.01 9.37
C SER A 103 -15.51 20.15 10.19
N VAL A 104 -16.06 19.07 10.77
CA VAL A 104 -15.25 18.12 11.53
C VAL A 104 -14.21 17.42 10.66
N MET A 105 -14.46 17.34 9.35
CA MET A 105 -13.57 16.66 8.41
C MET A 105 -12.36 17.49 8.05
N GLY A 106 -12.34 18.78 8.40
CA GLY A 106 -11.23 19.66 8.11
C GLY A 106 -10.37 20.03 9.28
N VAL A 107 -10.57 19.42 10.45
CA VAL A 107 -9.89 19.81 11.67
C VAL A 107 -9.16 18.59 12.23
N ASP A 108 -8.10 18.86 12.98
CA ASP A 108 -7.36 17.91 13.77
C ASP A 108 -7.86 17.96 15.21
N PRO A 109 -7.42 17.02 16.06
CA PRO A 109 -7.66 17.17 17.49
C PRO A 109 -6.88 18.33 18.04
N PRO A 110 -7.32 18.94 19.16
CA PRO A 110 -8.55 18.62 19.89
C PRO A 110 -9.85 19.21 19.33
N ASP A 111 -9.79 20.09 18.32
CA ASP A 111 -11.03 20.60 17.70
C ASP A 111 -11.90 19.50 17.14
N HIS A 112 -11.30 18.38 16.72
CA HIS A 112 -12.06 17.30 16.11
C HIS A 112 -12.78 16.50 17.18
N THR A 113 -12.08 16.17 18.25
CA THR A 113 -12.67 15.61 19.46
C THR A 113 -13.90 16.41 19.91
N ARG A 114 -13.67 17.64 20.36
CA ARG A 114 -14.71 18.56 20.82
C ARG A 114 -15.99 18.47 19.99
N LEU A 115 -15.84 18.46 18.66
CA LEU A 115 -16.93 18.53 17.69
C LEU A 115 -17.59 17.18 17.40
N ARG A 116 -16.81 16.11 17.21
CA ARG A 116 -17.43 14.83 16.89
C ARG A 116 -18.29 14.34 18.05
N ARG A 117 -17.79 14.47 19.28
CA ARG A 117 -18.55 14.07 20.46
C ARG A 117 -19.98 14.63 20.48
N LEU A 118 -20.23 15.75 19.78
CA LEU A 118 -21.56 16.36 19.72
C LEU A 118 -22.52 15.60 18.82
N VAL A 119 -22.02 14.77 17.90
CA VAL A 119 -22.89 14.03 17.00
C VAL A 119 -22.67 12.52 17.09
N ALA A 120 -21.74 12.06 17.92
CA ALA A 120 -21.37 10.65 17.90
C ALA A 120 -22.52 9.77 18.38
N THR A 121 -23.20 10.18 19.45
CA THR A 121 -24.21 9.32 20.04
C THR A 121 -25.40 9.13 19.12
N ALA A 122 -25.73 10.14 18.32
CA ALA A 122 -26.84 9.99 17.38
C ALA A 122 -26.52 9.08 16.20
N PHE A 123 -25.23 8.85 15.92
CA PHE A 123 -24.83 8.10 14.73
C PHE A 123 -24.21 6.76 15.08
N SER A 124 -24.21 6.39 16.36
CA SER A 124 -23.73 5.09 16.80
C SER A 124 -24.61 3.97 16.24
N ARG A 125 -24.07 2.75 16.28
CA ARG A 125 -24.84 1.61 15.76
C ARG A 125 -26.12 1.42 16.57
N ARG A 126 -26.04 1.53 17.90
CA ARG A 126 -27.24 1.46 18.74
C ARG A 126 -28.16 2.66 18.51
N GLY A 127 -27.59 3.87 18.39
CA GLY A 127 -28.41 5.03 18.06
C GLY A 127 -29.15 4.89 16.75
N VAL A 128 -28.45 4.42 15.70
CA VAL A 128 -29.08 4.22 14.40
C VAL A 128 -29.99 2.99 14.32
N GLU A 129 -29.80 1.98 15.18
CA GLU A 129 -30.71 0.84 15.15
C GLU A 129 -32.16 1.26 15.42
N HIS A 130 -32.38 2.32 16.19
CA HIS A 130 -33.75 2.76 16.48
C HIS A 130 -34.43 3.33 15.25
N LEU A 131 -33.67 3.74 14.25
CA LEU A 131 -34.27 4.28 13.03
C LEU A 131 -34.76 3.19 12.07
N ARG A 132 -34.39 1.93 12.30
CA ARG A 132 -34.70 0.85 11.35
C ARG A 132 -36.20 0.62 11.16
N PRO A 133 -37.05 0.62 12.20
CA PRO A 133 -38.50 0.48 11.96
C PRO A 133 -39.07 1.51 10.98
N GLY A 134 -38.63 2.77 11.08
CA GLY A 134 -39.13 3.78 10.17
C GLY A 134 -38.43 3.78 8.83
N ILE A 135 -37.16 3.40 8.80
CA ILE A 135 -36.50 3.21 7.53
C ILE A 135 -37.15 2.07 6.78
N THR A 136 -37.43 0.97 7.49
CA THR A 136 -38.16 -0.15 6.90
C THR A 136 -39.50 0.31 6.35
N ALA A 137 -40.27 1.07 7.14
CA ALA A 137 -41.60 1.46 6.71
C ALA A 137 -41.59 2.39 5.50
N LEU A 138 -40.57 3.25 5.39
CA LEU A 138 -40.46 4.10 4.21
C LEU A 138 -40.17 3.27 2.98
N VAL A 139 -39.16 2.40 3.05
CA VAL A 139 -38.86 1.48 1.94
C VAL A 139 -40.12 0.73 1.51
N ARG A 140 -40.99 0.40 2.46
CA ARG A 140 -42.28 -0.20 2.16
C ARG A 140 -43.22 0.77 1.44
N ARG A 141 -43.33 2.01 1.95
CA ARG A 141 -44.18 3.00 1.28
C ARG A 141 -43.63 3.35 -0.10
N LEU A 142 -42.31 3.41 -0.23
CA LEU A 142 -41.72 3.64 -1.55
C LEU A 142 -41.96 2.45 -2.49
N THR A 143 -41.76 1.22 -2.01
CA THR A 143 -42.00 0.06 -2.87
C THR A 143 -43.49 -0.22 -3.07
N ASP A 144 -44.35 0.18 -2.11
CA ASP A 144 -45.80 0.23 -2.36
C ASP A 144 -46.13 0.95 -3.64
N ASP A 145 -45.36 1.98 -3.99
CA ASP A 145 -45.74 2.84 -5.11
C ASP A 145 -45.26 2.33 -6.47
N MET A 146 -44.09 1.68 -6.53
CA MET A 146 -43.67 1.05 -7.78
C MET A 146 -44.68 0.00 -8.21
N VAL A 147 -45.25 -0.72 -7.23
CA VAL A 147 -46.22 -1.78 -7.52
C VAL A 147 -47.43 -1.21 -8.25
N GLY A 148 -48.02 -0.15 -7.69
CA GLY A 148 -49.16 0.46 -8.36
C GLY A 148 -48.79 1.20 -9.63
N GLN A 149 -47.63 1.88 -9.62
CA GLN A 149 -47.19 2.61 -10.80
C GLN A 149 -46.90 1.68 -11.97
N GLY A 150 -46.11 0.64 -11.74
CA GLY A 150 -45.84 -0.35 -12.76
C GLY A 150 -44.60 -0.02 -13.55
N PRO A 151 -43.96 -1.04 -14.12
CA PRO A 151 -42.74 -0.80 -14.88
C PRO A 151 -43.02 0.07 -16.09
N PRO A 152 -42.03 0.90 -16.51
CA PRO A 152 -40.73 1.02 -15.83
C PRO A 152 -40.75 2.08 -14.74
N VAL A 153 -39.84 1.92 -13.79
CA VAL A 153 -39.65 2.82 -12.68
C VAL A 153 -38.22 3.31 -12.71
N ASP A 154 -38.03 4.63 -12.58
CA ASP A 154 -36.70 5.20 -12.31
C ASP A 154 -36.38 4.96 -10.83
N LEU A 155 -35.44 4.05 -10.57
CA LEU A 155 -35.07 3.73 -9.20
C LEU A 155 -34.35 4.88 -8.53
N VAL A 156 -33.63 5.70 -9.30
CA VAL A 156 -32.95 6.86 -8.71
C VAL A 156 -33.98 7.86 -8.21
N ARG A 157 -34.98 8.17 -9.03
CA ARG A 157 -35.97 9.19 -8.71
C ARG A 157 -37.05 8.67 -7.76
N SER A 158 -37.62 7.49 -8.06
CA SER A 158 -38.73 6.96 -7.30
C SER A 158 -38.33 6.17 -6.06
N PHE A 159 -37.04 6.00 -5.79
CA PHE A 159 -36.63 5.14 -4.67
C PHE A 159 -35.39 5.65 -3.93
N VAL A 160 -34.25 5.73 -4.64
CA VAL A 160 -32.98 5.97 -3.97
C VAL A 160 -32.95 7.36 -3.35
N THR A 161 -33.49 8.36 -4.04
CA THR A 161 -33.39 9.72 -3.51
C THR A 161 -34.44 10.01 -2.45
N PRO A 162 -35.69 9.56 -2.62
CA PRO A 162 -36.64 9.66 -1.49
C PRO A 162 -36.18 8.94 -0.24
N LEU A 163 -35.47 7.83 -0.35
CA LEU A 163 -35.03 7.09 0.83
C LEU A 163 -33.94 7.83 1.59
N SER A 164 -32.85 8.17 0.92
CA SER A 164 -31.78 8.86 1.65
C SER A 164 -32.20 10.28 1.99
N GLY A 165 -32.94 10.93 1.10
CA GLY A 165 -33.33 12.32 1.34
C GLY A 165 -34.29 12.48 2.51
N LEU A 166 -35.26 11.56 2.64
CA LEU A 166 -36.20 11.61 3.76
C LEU A 166 -35.64 11.07 5.06
N VAL A 167 -34.57 10.29 5.02
CA VAL A 167 -33.99 9.76 6.25
C VAL A 167 -32.93 10.72 6.82
N ILE A 168 -32.29 11.54 5.99
CA ILE A 168 -31.33 12.51 6.56
C ILE A 168 -32.07 13.76 7.06
N CYS A 169 -33.12 14.16 6.35
CA CYS A 169 -33.85 15.35 6.74
C CYS A 169 -34.62 15.13 8.04
N ASP A 170 -35.22 13.94 8.21
CA ASP A 170 -35.97 13.61 9.42
C ASP A 170 -35.06 13.45 10.64
N LEU A 171 -33.83 13.03 10.45
CA LEU A 171 -32.91 12.98 11.58
C LEU A 171 -32.40 14.37 11.95
N LEU A 172 -32.12 15.21 10.95
CA LEU A 172 -31.46 16.49 11.18
C LEU A 172 -32.43 17.61 11.47
N GLY A 173 -33.60 17.59 10.85
CA GLY A 173 -34.57 18.64 11.01
C GLY A 173 -34.73 19.52 9.80
N VAL A 174 -34.05 19.20 8.71
CA VAL A 174 -34.21 19.96 7.47
C VAL A 174 -35.52 19.54 6.82
N PRO A 175 -36.38 20.49 6.43
CA PRO A 175 -37.62 20.07 5.76
C PRO A 175 -37.28 19.46 4.41
N TYR A 176 -37.60 18.18 4.23
CA TYR A 176 -37.49 17.57 2.92
C TYR A 176 -38.37 18.28 1.90
N ALA A 177 -39.51 18.83 2.36
CA ALA A 177 -40.41 19.58 1.50
C ALA A 177 -39.76 20.90 1.05
N ASP A 178 -38.56 21.18 1.56
CA ASP A 178 -37.73 22.27 1.09
C ASP A 178 -36.71 21.84 0.02
N ARG A 179 -36.80 20.59 -0.47
CA ARG A 179 -35.80 20.08 -1.40
C ARG A 179 -35.80 20.85 -2.70
N SER A 180 -36.95 21.46 -3.06
CA SER A 180 -37.07 22.23 -4.30
C SER A 180 -36.16 23.43 -4.36
N ARG A 181 -35.41 23.73 -3.30
CA ARG A 181 -34.53 24.88 -3.31
C ARG A 181 -33.11 24.52 -2.89
N PHE A 182 -32.91 23.56 -1.99
CA PHE A 182 -31.56 23.26 -1.53
C PHE A 182 -30.89 22.09 -2.24
N ARG A 183 -31.61 21.32 -3.07
CA ARG A 183 -30.91 20.30 -3.85
C ARG A 183 -30.31 20.86 -5.12
N HIS A 184 -30.75 22.06 -5.53
CA HIS A 184 -30.00 22.89 -6.46
C HIS A 184 -28.62 23.24 -5.90
N TRP A 185 -28.58 23.60 -4.61
CA TRP A 185 -27.36 24.06 -3.96
C TRP A 185 -26.41 22.93 -3.59
N LEU A 186 -26.91 21.71 -3.40
CA LEU A 186 -26.06 20.61 -2.97
C LEU A 186 -25.08 20.20 -4.07
N GLU A 187 -25.50 20.32 -5.34
CA GLU A 187 -24.65 19.93 -6.45
C GLU A 187 -23.40 20.80 -6.56
N ALA A 188 -23.49 22.09 -6.16
CA ALA A 188 -22.33 22.98 -6.23
C ALA A 188 -21.18 22.54 -5.34
N PHE A 189 -21.45 21.75 -4.28
CA PHE A 189 -20.40 21.25 -3.42
C PHE A 189 -19.65 20.06 -4.03
N PHE A 190 -20.29 19.32 -4.95
CA PHE A 190 -19.69 18.12 -5.54
C PHE A 190 -19.15 18.35 -6.94
N SER A 191 -19.32 19.54 -7.50
CA SER A 191 -18.88 19.80 -8.87
C SER A 191 -17.35 19.82 -8.96
N ILE A 192 -16.83 19.19 -10.03
CA ILE A 192 -15.45 19.38 -10.50
C ILE A 192 -15.44 20.21 -11.78
N THR A 193 -16.15 19.75 -12.81
CA THR A 193 -16.30 20.44 -14.08
C THR A 193 -17.75 20.66 -14.47
N ALA A 194 -18.71 20.31 -13.60
CA ALA A 194 -20.11 20.50 -13.98
C ALA A 194 -20.55 21.96 -13.90
N LEU A 195 -19.97 22.77 -13.01
CA LEU A 195 -20.38 24.16 -12.91
C LEU A 195 -19.16 25.08 -12.85
N PRO A 196 -19.27 26.30 -13.37
CA PRO A 196 -18.17 27.27 -13.25
C PRO A 196 -18.04 27.79 -11.83
N ALA A 197 -16.85 28.31 -11.52
CA ALA A 197 -16.53 28.65 -10.13
C ALA A 197 -17.42 29.76 -9.59
N ASP A 198 -17.94 30.63 -10.46
CA ASP A 198 -18.83 31.71 -9.99
C ASP A 198 -20.20 31.16 -9.61
N GLU A 199 -20.69 30.17 -10.35
CA GLU A 199 -21.90 29.47 -9.94
C GLU A 199 -21.66 28.53 -8.75
N VAL A 200 -20.42 28.10 -8.53
CA VAL A 200 -20.14 27.34 -7.31
C VAL A 200 -20.20 28.24 -6.10
N ALA A 201 -19.58 29.42 -6.19
CA ALA A 201 -19.53 30.32 -5.05
C ALA A 201 -20.92 30.80 -4.63
N VAL A 202 -21.82 30.97 -5.58
CA VAL A 202 -23.11 31.58 -5.27
C VAL A 202 -24.08 30.56 -4.68
N ARG A 203 -24.14 29.34 -5.23
CA ARG A 203 -24.99 28.31 -4.62
C ARG A 203 -24.50 27.94 -3.23
N ILE A 204 -23.18 27.97 -3.01
CA ILE A 204 -22.66 27.60 -1.70
C ILE A 204 -23.08 28.61 -0.63
N GLU A 205 -23.16 29.90 -0.98
CA GLU A 205 -23.56 30.87 0.03
C GLU A 205 -25.07 30.91 0.19
N ALA A 206 -25.80 30.52 -0.86
CA ALA A 206 -27.23 30.27 -0.74
C ALA A 206 -27.51 29.21 0.32
N MET A 207 -26.74 28.13 0.30
CA MET A 207 -26.91 27.04 1.27
C MET A 207 -26.55 27.50 2.69
N TYR A 208 -25.42 28.20 2.84
CA TYR A 208 -25.00 28.72 4.13
C TYR A 208 -25.93 29.79 4.70
N GLY A 209 -26.87 30.29 3.91
CA GLY A 209 -27.86 31.23 4.38
C GLY A 209 -29.20 30.57 4.60
N TYR A 210 -29.44 29.44 3.92
CA TYR A 210 -30.56 28.57 4.25
C TYR A 210 -30.34 27.87 5.59
N ILE A 211 -29.15 27.33 5.81
CA ILE A 211 -28.82 26.74 7.11
C ILE A 211 -29.03 27.77 8.22
N ALA A 212 -28.58 29.01 7.99
CA ALA A 212 -28.71 30.06 8.99
C ALA A 212 -30.17 30.39 9.30
N GLU A 213 -31.04 30.36 8.27
CA GLU A 213 -32.49 30.42 8.48
C GLU A 213 -32.95 29.39 9.49
N LEU A 214 -32.48 28.15 9.35
CA LEU A 214 -32.96 27.04 10.18
C LEU A 214 -32.43 27.14 11.60
N VAL A 215 -31.17 27.55 11.76
CA VAL A 215 -30.61 27.77 13.10
C VAL A 215 -31.38 28.85 13.83
N ALA A 216 -31.88 29.86 13.10
CA ALA A 216 -32.62 30.95 13.72
C ALA A 216 -34.01 30.50 14.14
N LEU A 217 -34.69 29.73 13.29
CA LEU A 217 -36.03 29.25 13.59
C LEU A 217 -36.09 28.34 14.82
N ARG A 218 -34.93 27.94 15.34
CA ARG A 218 -34.84 27.02 16.47
C ARG A 218 -34.35 27.68 17.76
N ARG A 219 -33.79 28.88 17.68
CA ARG A 219 -33.59 29.66 18.90
C ARG A 219 -34.89 30.30 19.36
N ALA A 220 -35.81 30.56 18.43
CA ALA A 220 -37.16 30.99 18.77
C ALA A 220 -38.12 29.83 18.97
N GLU A 221 -37.85 28.67 18.37
CA GLU A 221 -38.75 27.51 18.44
C GLU A 221 -37.90 26.25 18.52
N PRO A 222 -37.54 25.82 19.73
CA PRO A 222 -36.67 24.64 19.86
C PRO A 222 -37.28 23.42 19.18
N THR A 223 -36.41 22.61 18.58
CA THR A 223 -36.84 21.42 17.85
C THR A 223 -36.26 20.16 18.48
N GLU A 224 -37.02 19.09 18.31
CA GLU A 224 -36.67 17.75 18.74
C GLU A 224 -35.93 17.01 17.63
N ASP A 225 -34.86 17.62 17.12
CA ASP A 225 -34.07 16.97 16.08
C ASP A 225 -32.60 17.28 16.32
N LEU A 226 -31.76 16.73 15.43
CA LEU A 226 -30.31 16.85 15.58
C LEU A 226 -29.86 18.30 15.47
N LEU A 227 -30.46 19.08 14.56
CA LEU A 227 -30.13 20.50 14.44
C LEU A 227 -30.54 21.26 15.70
N GLY A 228 -31.77 21.03 16.18
CA GLY A 228 -32.20 21.61 17.44
C GLY A 228 -31.23 21.36 18.57
N GLY A 229 -30.72 20.13 18.68
CA GLY A 229 -29.80 19.80 19.75
C GLY A 229 -28.43 20.40 19.56
N LEU A 230 -28.04 20.66 18.32
CA LEU A 230 -26.77 21.35 18.07
C LEU A 230 -26.86 22.83 18.38
N VAL A 231 -28.02 23.45 18.14
CA VAL A 231 -28.22 24.86 18.48
C VAL A 231 -28.24 25.05 20.00
N ARG A 232 -28.97 24.20 20.73
CA ARG A 232 -28.85 24.21 22.18
C ARG A 232 -27.41 24.02 22.61
N ALA A 233 -26.62 23.26 21.85
CA ALA A 233 -25.24 22.95 22.27
C ALA A 233 -24.31 24.14 22.11
N ARG A 234 -24.52 24.94 21.06
CA ARG A 234 -23.76 26.19 20.93
C ARG A 234 -24.22 27.23 21.94
N ASP A 235 -25.52 27.35 22.14
CA ASP A 235 -26.07 28.41 22.99
C ASP A 235 -25.77 28.16 24.47
N ARG A 236 -26.22 27.05 25.04
CA ARG A 236 -26.03 26.93 26.48
C ARG A 236 -24.71 26.29 26.88
N ASP A 237 -24.00 25.62 25.96
CA ASP A 237 -22.68 25.12 26.29
C ASP A 237 -21.55 25.88 25.63
N GLY A 238 -21.84 26.67 24.60
CA GLY A 238 -20.77 27.27 23.82
C GLY A 238 -19.80 26.25 23.25
N SER A 239 -20.23 25.02 23.04
CA SER A 239 -19.30 23.98 22.62
C SER A 239 -18.93 24.09 21.15
N CYS A 240 -19.55 25.00 20.41
CA CYS A 240 -19.09 25.27 19.06
C CYS A 240 -19.42 26.69 18.65
N SER A 241 -18.49 27.30 17.89
CA SER A 241 -18.72 28.59 17.30
C SER A 241 -19.90 28.52 16.33
N GLU A 242 -20.34 29.69 15.86
CA GLU A 242 -21.55 29.71 15.06
C GLU A 242 -21.31 29.19 13.66
N GLU A 243 -20.10 29.38 13.14
CA GLU A 243 -19.76 28.85 11.83
C GLU A 243 -19.46 27.35 11.90
N GLU A 244 -18.88 26.88 13.02
CA GLU A 244 -18.81 25.44 13.26
C GLU A 244 -20.21 24.83 13.30
N LEU A 245 -21.13 25.48 14.01
CA LEU A 245 -22.53 25.07 13.99
C LEU A 245 -23.06 24.89 12.57
N VAL A 246 -23.01 25.96 11.76
CA VAL A 246 -23.62 25.93 10.43
C VAL A 246 -22.86 25.01 9.48
N ASP A 247 -21.53 24.89 9.65
CA ASP A 247 -20.75 23.95 8.82
C ASP A 247 -21.14 22.51 9.13
N LEU A 248 -21.16 22.16 10.43
CA LEU A 248 -21.49 20.82 10.85
C LEU A 248 -22.82 20.37 10.25
N ALA A 249 -23.83 21.25 10.32
CA ALA A 249 -25.15 20.90 9.78
C ALA A 249 -25.18 20.97 8.26
N ASN A 250 -24.35 21.81 7.67
CA ASN A 250 -24.28 21.84 6.21
C ASN A 250 -23.72 20.52 5.67
N VAL A 251 -22.75 19.95 6.40
CA VAL A 251 -22.01 18.78 5.95
C VAL A 251 -22.80 17.48 6.18
N LEU A 252 -23.62 17.43 7.23
CA LEU A 252 -24.41 16.23 7.49
C LEU A 252 -25.50 16.04 6.44
N LEU A 253 -26.09 17.13 5.95
CA LEU A 253 -27.07 17.02 4.87
C LEU A 253 -26.41 16.81 3.52
N LEU A 254 -25.18 17.31 3.36
CA LEU A 254 -24.38 16.98 2.19
C LEU A 254 -24.21 15.48 2.05
N ALA A 255 -23.74 14.85 3.14
CA ALA A 255 -23.37 13.44 3.14
C ALA A 255 -24.58 12.52 3.11
N GLY A 256 -25.65 12.89 3.80
CA GLY A 256 -26.80 12.00 3.86
C GLY A 256 -27.74 12.11 2.68
N TYR A 257 -27.89 13.29 2.13
CA TYR A 257 -28.85 13.50 1.04
C TYR A 257 -28.30 13.09 -0.32
N HIS A 258 -26.98 13.03 -0.50
CA HIS A 258 -26.44 12.86 -1.85
C HIS A 258 -25.36 11.79 -1.88
N THR A 259 -24.41 11.82 -0.94
CA THR A 259 -23.37 10.80 -0.94
C THR A 259 -23.95 9.41 -0.76
N THR A 260 -24.99 9.29 0.08
CA THR A 260 -25.61 7.98 0.30
C THR A 260 -26.45 7.56 -0.91
N ALA A 261 -27.12 8.50 -1.57
CA ALA A 261 -27.89 8.15 -2.75
C ALA A 261 -26.98 7.70 -3.90
N SER A 262 -25.88 8.41 -4.14
CA SER A 262 -24.85 7.97 -5.06
C SER A 262 -24.41 6.52 -4.83
N GLN A 263 -24.03 6.18 -3.58
CA GLN A 263 -23.59 4.81 -3.31
C GLN A 263 -24.73 3.81 -3.50
N LEU A 264 -25.96 4.13 -3.05
CA LEU A 264 -27.03 3.16 -3.23
C LEU A 264 -27.49 3.07 -4.68
N ALA A 265 -27.39 4.16 -5.44
CA ALA A 265 -27.72 4.10 -6.86
C ALA A 265 -26.67 3.33 -7.66
N SER A 266 -25.41 3.38 -7.22
CA SER A 266 -24.33 2.67 -7.90
C SER A 266 -24.27 1.21 -7.49
N SER A 267 -24.62 0.90 -6.24
CA SER A 267 -24.76 -0.49 -5.82
C SER A 267 -25.90 -1.16 -6.55
N LEU A 268 -26.95 -0.42 -6.90
CA LEU A 268 -28.06 -0.98 -7.65
C LEU A 268 -27.69 -1.18 -9.12
N PHE A 269 -26.76 -0.37 -9.64
CA PHE A 269 -26.16 -0.64 -10.95
C PHE A 269 -25.38 -1.95 -10.93
N VAL A 270 -24.55 -2.17 -9.90
CA VAL A 270 -23.71 -3.35 -9.79
C VAL A 270 -24.53 -4.64 -9.67
N LEU A 271 -25.74 -4.56 -9.12
CA LEU A 271 -26.56 -5.76 -8.98
C LEU A 271 -27.43 -6.01 -10.20
N LEU A 272 -27.89 -4.95 -10.86
CA LEU A 272 -28.79 -5.11 -12.01
C LEU A 272 -28.03 -5.42 -13.29
N THR A 273 -26.72 -5.20 -13.31
CA THR A 273 -25.90 -5.48 -14.49
C THR A 273 -25.03 -6.71 -14.31
N GLN A 274 -24.72 -7.07 -13.07
CA GLN A 274 -24.22 -8.39 -12.70
C GLN A 274 -25.34 -9.16 -12.01
N PRO A 275 -26.42 -9.50 -12.73
CA PRO A 275 -27.64 -10.00 -12.07
C PRO A 275 -27.53 -11.40 -11.50
N GLU A 276 -26.38 -12.06 -11.60
CA GLU A 276 -26.16 -13.30 -10.87
C GLU A 276 -25.90 -13.04 -9.39
N HIS A 277 -25.56 -11.80 -9.03
CA HIS A 277 -25.32 -11.45 -7.63
C HIS A 277 -26.57 -10.95 -6.94
N ALA A 278 -27.45 -10.29 -7.69
CA ALA A 278 -28.80 -10.02 -7.20
C ALA A 278 -29.55 -11.31 -6.90
N GLU A 279 -29.39 -12.33 -7.75
CA GLU A 279 -30.03 -13.61 -7.51
C GLU A 279 -29.42 -14.32 -6.30
N LEU A 280 -28.11 -14.21 -6.12
CA LEU A 280 -27.52 -14.76 -4.90
C LEU A 280 -28.14 -14.12 -3.65
N LEU A 281 -28.05 -12.79 -3.54
CA LEU A 281 -28.51 -12.10 -2.33
C LEU A 281 -30.02 -12.24 -2.15
N ARG A 282 -30.78 -12.36 -3.24
CA ARG A 282 -32.23 -12.51 -3.11
C ARG A 282 -32.60 -13.86 -2.53
N SER A 283 -31.89 -14.92 -2.94
CA SER A 283 -32.09 -16.24 -2.40
C SER A 283 -31.50 -16.41 -1.00
N ARG A 284 -30.66 -15.47 -0.55
CA ARG A 284 -29.95 -15.57 0.73
C ARG A 284 -29.90 -14.19 1.40
N PRO A 285 -31.05 -13.67 1.85
CA PRO A 285 -31.07 -12.30 2.41
C PRO A 285 -30.24 -12.12 3.66
N GLU A 286 -29.95 -13.19 4.40
CA GLU A 286 -29.04 -13.10 5.53
C GLU A 286 -27.63 -12.67 5.12
N LEU A 287 -27.33 -12.66 3.82
CA LEU A 287 -26.04 -12.19 3.36
C LEU A 287 -25.88 -10.68 3.57
N ALA A 288 -27.02 -9.96 3.62
CA ALA A 288 -27.08 -8.50 3.44
C ALA A 288 -26.00 -7.70 4.15
N PRO A 289 -25.69 -7.89 5.45
CA PRO A 289 -24.59 -7.11 6.04
C PRO A 289 -23.25 -7.32 5.34
N ARG A 290 -22.97 -8.54 4.87
CA ARG A 290 -21.76 -8.78 4.07
C ARG A 290 -21.90 -8.18 2.68
N ALA A 291 -23.10 -8.26 2.10
CA ALA A 291 -23.35 -7.72 0.77
C ALA A 291 -23.23 -6.21 0.75
N VAL A 292 -23.59 -5.56 1.86
CA VAL A 292 -23.49 -4.11 1.99
C VAL A 292 -22.02 -3.71 2.08
N GLU A 293 -21.23 -4.45 2.84
CA GLU A 293 -19.82 -4.10 2.99
C GLU A 293 -19.07 -4.23 1.68
N GLU A 294 -19.28 -5.33 0.95
CA GLU A 294 -18.55 -5.57 -0.29
C GLU A 294 -18.96 -4.59 -1.37
N LEU A 295 -20.24 -4.22 -1.42
CA LEU A 295 -20.69 -3.18 -2.33
C LEU A 295 -20.05 -1.82 -2.01
N LEU A 296 -19.70 -1.58 -0.74
CA LEU A 296 -18.92 -0.38 -0.39
C LEU A 296 -17.45 -0.52 -0.79
N ARG A 297 -16.89 -1.72 -0.70
CA ARG A 297 -15.52 -1.93 -1.16
C ARG A 297 -15.42 -1.87 -2.69
N TYR A 298 -16.37 -2.46 -3.38
CA TYR A 298 -16.29 -2.67 -4.81
C TYR A 298 -16.78 -1.50 -5.65
N VAL A 299 -17.84 -0.81 -5.21
CA VAL A 299 -18.26 0.41 -5.91
C VAL A 299 -17.19 1.47 -5.69
N PRO A 300 -16.66 2.06 -6.74
CA PRO A 300 -15.75 3.19 -6.52
C PRO A 300 -16.62 4.44 -6.38
N LEU A 301 -16.98 4.78 -5.14
CA LEU A 301 -17.93 5.85 -4.92
C LEU A 301 -17.26 7.21 -5.12
N ILE A 302 -16.09 7.37 -4.51
CA ILE A 302 -15.24 8.52 -4.75
C ILE A 302 -14.76 8.50 -6.19
N ALA A 303 -15.07 9.56 -6.93
CA ALA A 303 -14.70 9.62 -8.34
C ALA A 303 -13.20 9.46 -8.52
N HIS A 304 -12.40 10.00 -7.59
CA HIS A 304 -10.95 10.02 -7.74
C HIS A 304 -10.20 9.86 -6.41
N VAL A 305 -10.15 10.93 -5.61
CA VAL A 305 -9.44 10.94 -4.34
C VAL A 305 -10.33 11.55 -3.27
N THR A 306 -9.99 11.29 -2.02
CA THR A 306 -10.62 11.96 -0.89
C THR A 306 -9.83 13.22 -0.51
N PHE A 307 -10.28 13.89 0.56
CA PHE A 307 -9.68 15.13 1.02
C PHE A 307 -8.19 14.97 1.27
N ALA A 308 -7.43 15.96 0.84
CA ALA A 308 -5.98 15.94 0.98
C ALA A 308 -5.56 16.22 2.42
N ARG A 309 -4.40 15.66 2.78
CA ARG A 309 -3.71 15.91 4.03
C ARG A 309 -2.36 16.54 3.68
N TYR A 310 -1.83 17.33 4.63
CA TYR A 310 -0.53 17.95 4.48
C TYR A 310 0.36 17.40 5.57
N ALA A 311 1.55 16.97 5.20
CA ALA A 311 2.50 16.54 6.21
C ALA A 311 2.82 17.72 7.11
N THR A 312 3.13 17.42 8.37
CA THR A 312 3.54 18.43 9.33
C THR A 312 4.96 18.23 9.80
N GLU A 313 5.48 17.01 9.71
CA GLU A 313 6.89 16.73 9.72
C GLU A 313 7.18 15.81 8.53
N ASP A 314 8.44 15.39 8.39
CA ASP A 314 8.83 14.54 7.27
C ASP A 314 8.34 13.11 7.51
N VAL A 315 7.57 12.57 6.56
CA VAL A 315 7.20 11.17 6.58
C VAL A 315 7.71 10.50 5.31
N TRP A 316 8.28 9.31 5.47
CA TRP A 316 8.63 8.44 4.35
C TRP A 316 7.58 7.34 4.22
N LEU A 317 7.16 7.08 2.97
CA LEU A 317 6.25 6.03 2.56
C LEU A 317 6.20 6.01 1.05
N GLY A 318 5.90 4.84 0.48
CA GLY A 318 5.74 4.76 -0.97
C GLY A 318 6.96 5.22 -1.73
N GLY A 319 8.14 4.84 -1.25
CA GLY A 319 9.41 5.21 -1.87
C GLY A 319 9.63 6.70 -2.02
N THR A 320 9.18 7.50 -1.05
CA THR A 320 9.20 8.96 -1.12
C THR A 320 9.35 9.54 0.28
N LEU A 321 10.25 10.51 0.44
CA LEU A 321 10.27 11.35 1.63
C LEU A 321 9.34 12.52 1.35
N VAL A 322 8.14 12.47 1.94
CA VAL A 322 7.22 13.60 1.92
C VAL A 322 7.70 14.59 2.97
N ARG A 323 7.99 15.82 2.55
CA ARG A 323 8.49 16.85 3.44
C ARG A 323 7.33 17.55 4.16
N ALA A 324 7.63 18.11 5.34
CA ALA A 324 6.62 18.92 6.04
C ALA A 324 6.06 19.98 5.11
N GLY A 325 4.74 20.03 5.01
CA GLY A 325 4.09 21.01 4.17
C GLY A 325 3.67 20.52 2.81
N GLU A 326 3.95 19.26 2.48
CA GLU A 326 3.56 18.74 1.18
C GLU A 326 2.22 18.05 1.32
N ALA A 327 1.48 18.02 0.23
CA ALA A 327 0.18 17.39 0.25
C ALA A 327 0.29 15.90 -0.12
N VAL A 328 -0.76 15.16 0.25
CA VAL A 328 -0.98 13.77 -0.15
C VAL A 328 -2.47 13.63 -0.45
N LEU A 329 -2.79 12.97 -1.57
CA LEU A 329 -4.17 12.75 -1.99
C LEU A 329 -4.47 11.27 -1.88
N PRO A 330 -5.36 10.82 -0.94
CA PRO A 330 -5.59 9.38 -0.76
C PRO A 330 -6.63 8.88 -1.75
N ALA A 331 -6.20 8.02 -2.68
CA ALA A 331 -7.10 7.46 -3.69
C ALA A 331 -7.77 6.22 -3.09
N VAL A 332 -8.85 6.50 -2.30
CA VAL A 332 -9.50 5.44 -1.53
C VAL A 332 -10.01 4.31 -2.42
N PRO A 333 -10.69 4.56 -3.54
CA PRO A 333 -11.16 3.44 -4.39
C PRO A 333 -10.06 2.47 -4.78
N SER A 334 -8.85 2.97 -5.07
CA SER A 334 -7.73 2.10 -5.40
C SER A 334 -7.32 1.22 -4.22
N ALA A 335 -7.23 1.80 -3.02
CA ALA A 335 -6.98 1.00 -1.82
C ALA A 335 -8.01 -0.12 -1.63
N ASN A 336 -9.25 0.11 -2.03
CA ASN A 336 -10.31 -0.90 -1.99
C ASN A 336 -10.16 -1.98 -3.06
N ARG A 337 -9.09 -1.97 -3.86
CA ARG A 337 -8.80 -3.04 -4.81
C ARG A 337 -7.43 -3.64 -4.55
N ASP A 338 -6.85 -3.39 -3.38
CA ASP A 338 -5.49 -3.83 -3.12
C ASP A 338 -5.47 -5.36 -3.00
N ALA A 339 -4.76 -5.99 -3.95
CA ALA A 339 -4.66 -7.44 -3.97
C ALA A 339 -3.99 -7.99 -2.73
N GLU A 340 -3.26 -7.16 -1.99
CA GLU A 340 -2.62 -7.62 -0.77
C GLU A 340 -3.56 -7.62 0.43
N VAL A 341 -4.80 -7.16 0.26
CA VAL A 341 -5.77 -7.18 1.34
C VAL A 341 -6.98 -8.04 0.97
N PHE A 342 -7.43 -7.97 -0.29
CA PHE A 342 -8.69 -8.54 -0.74
C PHE A 342 -8.41 -9.61 -1.80
N ASP A 343 -8.68 -10.88 -1.47
CA ASP A 343 -8.64 -11.94 -2.48
C ASP A 343 -9.49 -11.52 -3.66
N GLU A 344 -8.92 -11.65 -4.86
CA GLU A 344 -9.58 -11.28 -6.11
C GLU A 344 -10.34 -9.96 -5.99
N PRO A 345 -9.63 -8.86 -5.78
CA PRO A 345 -10.30 -7.60 -5.40
C PRO A 345 -11.15 -7.00 -6.50
N ASP A 346 -10.99 -7.41 -7.76
CA ASP A 346 -11.76 -6.85 -8.86
C ASP A 346 -13.00 -7.67 -9.20
N ARG A 347 -13.18 -8.83 -8.57
CA ARG A 347 -14.39 -9.64 -8.66
C ARG A 347 -15.29 -9.31 -7.47
N LEU A 348 -16.57 -9.06 -7.73
CA LEU A 348 -17.53 -8.90 -6.64
C LEU A 348 -17.82 -10.25 -5.99
N ASP A 349 -17.64 -10.33 -4.67
CA ASP A 349 -18.02 -11.49 -3.87
C ASP A 349 -18.86 -10.99 -2.68
N LEU A 350 -20.18 -10.92 -2.88
CA LEU A 350 -21.13 -10.47 -1.87
C LEU A 350 -21.10 -11.26 -0.56
N THR A 351 -20.23 -12.27 -0.46
CA THR A 351 -20.24 -13.21 0.66
C THR A 351 -18.94 -13.16 1.44
N ARG A 352 -18.06 -12.22 1.13
CA ARG A 352 -16.80 -12.08 1.85
C ARG A 352 -17.08 -11.82 3.31
N ARG A 353 -16.32 -12.46 4.20
CA ARG A 353 -16.67 -12.37 5.60
C ARG A 353 -15.93 -11.25 6.30
N HIS A 354 -14.61 -11.15 6.07
CA HIS A 354 -13.76 -10.08 6.56
C HIS A 354 -13.51 -9.08 5.43
N ASN A 355 -13.98 -7.84 5.61
CA ASN A 355 -13.87 -6.78 4.61
C ASN A 355 -13.30 -5.52 5.25
N PRO A 356 -11.96 -5.39 5.31
CA PRO A 356 -11.33 -4.21 5.90
C PRO A 356 -11.20 -3.04 4.92
N HIS A 357 -12.29 -2.74 4.23
CA HIS A 357 -12.29 -1.69 3.22
C HIS A 357 -12.19 -0.30 3.85
N LEU A 358 -11.90 0.69 2.99
CA LEU A 358 -11.67 2.06 3.38
C LEU A 358 -12.67 2.99 2.72
N ALA A 359 -13.82 2.43 2.33
CA ALA A 359 -14.89 3.18 1.71
C ALA A 359 -15.56 4.17 2.68
N PHE A 360 -15.34 4.01 4.00
CA PHE A 360 -15.82 4.93 5.04
C PHE A 360 -14.66 5.67 5.71
N GLY A 361 -13.45 5.53 5.18
CA GLY A 361 -12.28 6.13 5.80
C GLY A 361 -11.60 5.19 6.76
N HIS A 362 -10.76 5.78 7.62
CA HIS A 362 -9.91 4.97 8.49
C HIS A 362 -9.43 5.82 9.65
N GLY A 363 -9.57 5.29 10.87
CA GLY A 363 -9.08 5.96 12.05
C GLY A 363 -9.86 7.20 12.45
N LEU A 364 -9.16 8.33 12.55
CA LEU A 364 -9.76 9.54 13.09
C LEU A 364 -11.05 9.93 12.38
N HIS A 365 -11.01 10.05 11.05
CA HIS A 365 -12.13 10.66 10.33
C HIS A 365 -13.10 9.62 9.76
N HIS A 366 -13.04 8.38 10.25
CA HIS A 366 -13.92 7.34 9.77
C HIS A 366 -15.34 7.86 9.71
N CYS A 367 -16.03 7.53 8.62
CA CYS A 367 -17.33 8.09 8.28
C CYS A 367 -18.31 8.09 9.44
N LEU A 368 -18.90 9.26 9.71
CA LEU A 368 -19.75 9.38 10.89
C LEU A 368 -21.09 8.72 10.68
N GLY A 369 -21.63 8.76 9.47
CA GLY A 369 -22.87 8.07 9.22
C GLY A 369 -22.69 6.65 8.72
N ALA A 370 -21.65 5.94 9.17
CA ALA A 370 -21.40 4.59 8.69
C ALA A 370 -22.60 3.69 8.97
N SER A 371 -22.97 3.58 10.25
CA SER A 371 -24.08 2.74 10.68
C SER A 371 -25.38 3.11 9.98
N LEU A 372 -25.59 4.39 9.69
CA LEU A 372 -26.83 4.81 9.03
C LEU A 372 -26.84 4.49 7.54
N VAL A 373 -25.68 4.41 6.89
CA VAL A 373 -25.63 3.98 5.51
C VAL A 373 -25.92 2.48 5.41
N ARG A 374 -25.33 1.71 6.33
CA ARG A 374 -25.55 0.27 6.38
C ARG A 374 -27.01 -0.07 6.52
N VAL A 375 -27.67 0.47 7.56
CA VAL A 375 -29.08 0.18 7.82
C VAL A 375 -29.93 0.56 6.62
N GLN A 376 -29.76 1.77 6.10
CA GLN A 376 -30.51 2.17 4.89
C GLN A 376 -30.24 1.20 3.72
N MET A 377 -29.03 0.63 3.65
CA MET A 377 -28.67 -0.26 2.55
C MET A 377 -29.12 -1.70 2.79
N GLU A 378 -29.04 -2.20 4.02
CA GLU A 378 -29.61 -3.51 4.32
C GLU A 378 -31.10 -3.53 4.02
N VAL A 379 -31.83 -2.53 4.49
CA VAL A 379 -33.27 -2.54 4.37
C VAL A 379 -33.68 -2.41 2.90
N ALA A 380 -33.13 -1.42 2.20
CA ALA A 380 -33.60 -1.11 0.85
C ALA A 380 -33.26 -2.22 -0.15
N LEU A 381 -32.10 -2.87 0.03
CA LEU A 381 -31.71 -3.95 -0.86
C LEU A 381 -32.53 -5.21 -0.59
N THR A 382 -32.71 -5.57 0.68
CA THR A 382 -33.53 -6.72 1.03
C THR A 382 -34.94 -6.59 0.47
N MET A 383 -35.58 -5.43 0.63
CA MET A 383 -36.97 -5.33 0.21
C MET A 383 -37.11 -5.20 -1.30
N LEU A 384 -36.24 -4.44 -1.97
CA LEU A 384 -36.30 -4.37 -3.42
C LEU A 384 -36.17 -5.75 -4.03
N LEU A 385 -35.15 -6.50 -3.60
CA LEU A 385 -34.91 -7.86 -4.09
C LEU A 385 -36.00 -8.81 -3.64
N GLY A 386 -36.36 -8.76 -2.35
CA GLY A 386 -37.46 -9.60 -1.86
C GLY A 386 -38.80 -9.33 -2.54
N ARG A 387 -39.07 -8.09 -2.91
CA ARG A 387 -40.40 -7.73 -3.39
C ARG A 387 -40.51 -7.65 -4.91
N PHE A 388 -39.41 -7.61 -5.65
CA PHE A 388 -39.42 -7.70 -7.11
C PHE A 388 -38.45 -8.80 -7.49
N PRO A 389 -38.89 -10.06 -7.40
CA PRO A 389 -37.94 -11.19 -7.53
C PRO A 389 -37.35 -11.34 -8.92
N ASP A 390 -38.00 -10.81 -9.96
CA ASP A 390 -37.43 -10.74 -11.31
C ASP A 390 -37.10 -9.29 -11.71
N LEU A 391 -36.66 -8.46 -10.77
CA LEU A 391 -36.27 -7.10 -11.09
C LEU A 391 -35.06 -7.09 -12.03
N ALA A 392 -35.19 -6.35 -13.13
CA ALA A 392 -34.15 -6.34 -14.14
C ALA A 392 -34.10 -4.96 -14.78
N LEU A 393 -32.92 -4.59 -15.26
CA LEU A 393 -32.75 -3.30 -15.94
C LEU A 393 -33.63 -3.24 -17.20
N ALA A 394 -34.13 -2.05 -17.50
CA ALA A 394 -34.95 -1.82 -18.70
C ALA A 394 -34.17 -1.04 -19.76
N ALA A 395 -32.89 -1.38 -19.92
CA ALA A 395 -32.02 -0.89 -20.97
C ALA A 395 -30.77 -1.76 -20.98
N PRO A 396 -29.94 -1.69 -22.01
CA PRO A 396 -28.59 -2.27 -21.90
C PRO A 396 -27.78 -1.51 -20.85
N PRO A 397 -26.97 -2.22 -20.06
CA PRO A 397 -26.15 -1.55 -19.03
C PRO A 397 -25.40 -0.32 -19.50
N ASP A 398 -24.95 -0.29 -20.76
CA ASP A 398 -24.15 0.82 -21.26
C ASP A 398 -25.00 1.97 -21.74
N GLU A 399 -26.31 1.78 -21.87
CA GLU A 399 -27.20 2.88 -22.23
C GLU A 399 -27.69 3.66 -21.02
N VAL A 400 -27.21 3.33 -19.81
CA VAL A 400 -27.60 4.00 -18.58
C VAL A 400 -26.72 5.23 -18.38
N PRO A 401 -27.29 6.40 -18.08
CA PRO A 401 -26.51 7.63 -18.00
C PRO A 401 -25.88 7.84 -16.62
N TRP A 402 -24.75 8.56 -16.63
CA TRP A 402 -23.92 8.69 -15.44
C TRP A 402 -23.58 10.15 -15.15
N THR A 403 -23.33 10.45 -13.87
CA THR A 403 -22.97 11.80 -13.46
C THR A 403 -21.60 12.16 -14.03
N ARG A 404 -21.54 13.18 -14.87
CA ARG A 404 -20.29 13.64 -15.46
C ARG A 404 -19.84 14.92 -14.77
N GLY A 405 -18.58 14.95 -14.35
CA GLY A 405 -17.98 16.12 -13.74
C GLY A 405 -18.11 16.22 -12.24
N MET A 406 -18.58 15.15 -11.57
CA MET A 406 -18.93 15.20 -10.16
C MET A 406 -17.93 14.43 -9.32
N GLN A 407 -17.90 14.78 -8.04
CA GLN A 407 -16.94 14.27 -7.07
C GLN A 407 -17.31 12.87 -6.58
N ALA A 408 -18.57 12.48 -6.67
CA ALA A 408 -19.02 11.12 -6.38
C ALA A 408 -19.66 10.51 -7.61
N ARG A 409 -19.47 9.20 -7.80
CA ARG A 409 -20.03 8.52 -8.97
C ARG A 409 -21.48 8.13 -8.69
N SER A 410 -22.32 8.23 -9.74
CA SER A 410 -23.73 7.85 -9.59
C SER A 410 -24.47 7.80 -10.93
N PRO A 411 -25.32 6.79 -11.14
CA PRO A 411 -26.14 6.74 -12.35
C PRO A 411 -27.25 7.79 -12.29
N LEU A 412 -27.42 8.52 -13.40
CA LEU A 412 -28.37 9.62 -13.44
C LEU A 412 -29.82 9.12 -13.33
N ARG A 413 -30.16 8.07 -14.08
CA ARG A 413 -31.43 7.36 -13.96
C ARG A 413 -31.16 5.86 -13.95
N LEU A 414 -32.12 5.09 -13.47
CA LEU A 414 -31.99 3.64 -13.31
C LEU A 414 -33.32 2.98 -13.64
N PRO A 415 -33.68 2.91 -14.92
CA PRO A 415 -34.95 2.28 -15.28
C PRO A 415 -34.91 0.78 -15.00
N VAL A 416 -36.01 0.27 -14.44
CA VAL A 416 -36.13 -1.15 -14.10
C VAL A 416 -37.50 -1.63 -14.50
N THR A 417 -37.62 -2.96 -14.56
CA THR A 417 -38.88 -3.62 -14.90
C THR A 417 -38.93 -4.93 -14.14
N TRP A 418 -40.12 -5.52 -14.06
CA TRP A 418 -40.31 -6.78 -13.32
C TRP A 418 -41.58 -7.48 -13.75
N THR B 24 18.81 -15.60 -33.12
CA THR B 24 19.58 -15.48 -31.88
C THR B 24 21.02 -15.07 -32.16
N PRO B 25 21.50 -14.05 -31.45
CA PRO B 25 22.93 -13.73 -31.53
C PRO B 25 23.77 -14.80 -30.85
N ALA B 26 25.01 -14.94 -31.30
CA ALA B 26 25.97 -15.78 -30.61
C ALA B 26 26.13 -15.27 -29.18
N PRO B 27 26.04 -16.14 -28.16
CA PRO B 27 25.97 -15.65 -26.77
C PRO B 27 27.30 -15.12 -26.26
N VAL B 28 27.18 -14.14 -25.34
CA VAL B 28 28.34 -13.55 -24.66
C VAL B 28 28.41 -14.16 -23.27
N ARG B 29 29.63 -14.43 -22.80
CA ARG B 29 29.83 -15.02 -21.48
C ARG B 29 29.40 -14.05 -20.38
N TYR B 30 28.51 -14.54 -19.52
CA TYR B 30 28.08 -13.81 -18.33
C TYR B 30 28.37 -14.65 -17.09
N PRO B 31 28.82 -14.05 -15.98
CA PRO B 31 29.17 -12.66 -15.68
C PRO B 31 30.26 -12.07 -16.58
N PHE B 32 30.21 -10.76 -16.83
CA PHE B 32 31.27 -10.09 -17.59
C PHE B 32 32.64 -10.20 -16.94
N GLY B 33 32.71 -10.76 -15.74
CA GLY B 33 33.93 -10.76 -14.94
C GLY B 33 33.58 -10.67 -13.48
N GLU B 34 34.58 -10.91 -12.64
CA GLU B 34 34.39 -10.80 -11.21
C GLU B 34 33.85 -9.43 -10.84
N ALA B 35 32.83 -9.40 -9.98
CA ALA B 35 32.36 -8.14 -9.42
C ALA B 35 33.40 -7.65 -8.41
N VAL B 36 33.91 -6.44 -8.64
CA VAL B 36 35.05 -5.90 -7.91
C VAL B 36 34.54 -4.81 -6.98
N ARG B 37 34.69 -5.04 -5.66
CA ARG B 37 34.15 -4.16 -4.62
C ARG B 37 32.71 -3.82 -4.95
N LEU B 38 32.41 -2.53 -5.08
CA LEU B 38 31.07 -2.08 -5.49
C LEU B 38 31.07 -1.49 -6.89
N ASP B 39 32.12 -1.74 -7.67
CA ASP B 39 32.20 -1.22 -9.02
C ASP B 39 31.28 -1.99 -9.95
N LEU B 40 30.67 -1.29 -10.90
CA LEU B 40 29.81 -1.93 -11.88
C LEU B 40 30.50 -1.96 -13.24
N HIS B 41 30.39 -3.11 -13.92
CA HIS B 41 31.13 -3.32 -15.17
C HIS B 41 30.66 -2.34 -16.25
N PRO B 42 31.57 -1.92 -17.12
CA PRO B 42 31.20 -0.95 -18.17
C PRO B 42 30.11 -1.42 -19.12
N THR B 43 29.86 -2.72 -19.23
CA THR B 43 28.89 -3.20 -20.23
C THR B 43 27.46 -2.81 -19.86
N TYR B 44 27.14 -2.82 -18.57
CA TYR B 44 25.77 -2.53 -18.14
C TYR B 44 25.30 -1.19 -18.67
N ALA B 45 26.04 -0.11 -18.39
CA ALA B 45 25.67 1.22 -18.90
C ALA B 45 25.60 1.22 -20.43
N GLU B 46 26.52 0.49 -21.08
CA GLU B 46 26.53 0.34 -22.54
C GLU B 46 25.21 -0.24 -23.05
N LEU B 47 24.76 -1.36 -22.46
CA LEU B 47 23.53 -2.03 -22.90
C LEU B 47 22.28 -1.16 -22.65
N ARG B 48 22.24 -0.48 -21.51
CA ARG B 48 21.12 0.43 -21.21
C ARG B 48 20.94 1.47 -22.31
N GLU B 49 22.05 2.11 -22.73
CA GLU B 49 21.96 3.11 -23.78
C GLU B 49 21.63 2.48 -25.13
N ARG B 50 21.94 1.21 -25.34
CA ARG B 50 21.52 0.56 -26.57
C ARG B 50 20.05 0.15 -26.55
N ARG B 51 19.44 -0.01 -25.37
CA ARG B 51 18.02 -0.36 -25.26
C ARG B 51 17.71 -1.75 -25.81
N THR B 52 18.67 -2.67 -25.73
CA THR B 52 18.52 -4.03 -26.24
C THR B 52 18.95 -5.05 -25.20
N LEU B 53 18.30 -6.21 -25.25
CA LEU B 53 18.70 -7.32 -24.39
C LEU B 53 19.96 -7.98 -24.94
N LEU B 54 20.77 -8.52 -24.05
CA LEU B 54 22.00 -9.23 -24.40
C LEU B 54 21.78 -10.74 -24.18
N ARG B 55 21.75 -11.49 -25.29
CA ARG B 55 21.81 -12.95 -25.23
C ARG B 55 23.11 -13.39 -24.61
N VAL B 56 23.04 -14.13 -23.50
CA VAL B 56 24.24 -14.51 -22.77
C VAL B 56 24.25 -16.01 -22.53
N ARG B 57 25.45 -16.50 -22.24
CA ARG B 57 25.69 -17.85 -21.74
C ARG B 57 26.19 -17.70 -20.32
N VAL B 58 25.54 -18.40 -19.39
CA VAL B 58 25.82 -18.22 -17.96
C VAL B 58 26.59 -19.44 -17.47
N PRO B 59 27.21 -19.40 -16.28
CA PRO B 59 28.03 -20.54 -15.86
C PRO B 59 27.29 -21.86 -15.80
N HIS B 60 25.98 -21.86 -15.59
CA HIS B 60 25.24 -23.10 -15.45
C HIS B 60 23.85 -22.93 -16.03
N GLY B 61 23.30 -24.04 -16.54
CA GLY B 61 21.93 -24.04 -17.03
C GLY B 61 21.78 -23.45 -18.41
N ASP B 62 20.52 -23.14 -18.75
CA ASP B 62 20.18 -22.58 -20.03
C ASP B 62 20.89 -21.24 -20.27
N ASP B 63 20.86 -20.81 -21.53
CA ASP B 63 21.23 -19.44 -21.88
C ASP B 63 20.04 -18.52 -21.65
N ALA B 64 20.33 -17.25 -21.40
CA ALA B 64 19.26 -16.30 -21.10
C ALA B 64 19.51 -15.00 -21.84
N TRP B 65 18.48 -14.16 -21.89
CA TRP B 65 18.64 -12.75 -22.24
C TRP B 65 18.91 -11.95 -20.97
N LEU B 66 19.80 -10.96 -21.06
CA LEU B 66 20.17 -10.09 -19.94
C LEU B 66 19.38 -8.79 -19.98
N VAL B 67 18.70 -8.46 -18.87
CA VAL B 67 17.86 -7.27 -18.77
C VAL B 67 18.55 -6.27 -17.83
N THR B 68 18.75 -5.04 -18.32
CA THR B 68 19.65 -4.07 -17.68
C THR B 68 19.01 -2.72 -17.39
N ARG B 69 17.91 -2.38 -18.05
CA ARG B 69 17.24 -1.09 -17.90
C ARG B 69 16.15 -1.18 -16.84
N HIS B 70 15.98 -0.09 -16.08
CA HIS B 70 15.00 -0.02 -15.01
C HIS B 70 13.61 -0.41 -15.50
N GLU B 71 13.18 0.16 -16.62
CA GLU B 71 11.83 -0.12 -17.12
C GLU B 71 11.67 -1.57 -17.52
N ASP B 72 12.75 -2.25 -17.93
CA ASP B 72 12.62 -3.62 -18.40
C ASP B 72 12.90 -4.63 -17.31
N VAL B 73 13.81 -4.33 -16.39
CA VAL B 73 13.94 -5.18 -15.21
C VAL B 73 12.61 -5.21 -14.45
N ARG B 74 11.91 -4.08 -14.37
CA ARG B 74 10.60 -4.08 -13.74
C ARG B 74 9.65 -5.06 -14.44
N THR B 75 9.54 -4.93 -15.77
CA THR B 75 8.72 -5.83 -16.58
C THR B 75 9.02 -7.30 -16.26
N VAL B 76 10.31 -7.65 -16.17
CA VAL B 76 10.61 -9.07 -16.02
C VAL B 76 10.46 -9.50 -14.57
N LEU B 77 10.64 -8.59 -13.60
CA LEU B 77 10.48 -8.96 -12.20
C LEU B 77 9.02 -9.24 -11.84
N THR B 78 8.05 -8.73 -12.61
CA THR B 78 6.67 -8.97 -12.19
C THR B 78 5.60 -9.01 -13.28
N ASP B 79 5.92 -8.86 -14.57
CA ASP B 79 4.93 -9.20 -15.60
C ASP B 79 4.48 -10.65 -15.37
N PRO B 80 3.19 -10.96 -15.52
CA PRO B 80 2.75 -12.34 -15.27
C PRO B 80 3.19 -13.32 -16.35
N ARG B 81 3.53 -12.83 -17.54
CA ARG B 81 4.08 -13.63 -18.62
C ARG B 81 5.53 -14.03 -18.37
N PHE B 82 6.16 -13.55 -17.32
CA PHE B 82 7.48 -14.02 -16.92
C PHE B 82 7.29 -14.79 -15.62
N SER B 83 7.37 -16.10 -15.73
CA SER B 83 7.05 -16.99 -14.62
C SER B 83 8.32 -17.34 -13.88
N ARG B 84 8.19 -17.44 -12.58
CA ARG B 84 9.26 -17.95 -11.75
C ARG B 84 9.07 -19.43 -11.42
N ALA B 85 7.84 -19.95 -11.55
CA ALA B 85 7.58 -21.38 -11.42
C ALA B 85 8.09 -22.16 -12.63
N ALA B 86 8.02 -21.56 -13.81
CA ALA B 86 8.48 -22.21 -15.04
C ALA B 86 9.96 -22.57 -15.00
N ALA B 87 10.74 -21.95 -14.11
CA ALA B 87 12.16 -22.30 -14.00
C ALA B 87 12.37 -23.59 -13.23
N ALA B 88 11.37 -24.05 -12.48
CA ALA B 88 11.48 -25.33 -11.77
C ALA B 88 11.48 -26.53 -12.71
N GLY B 89 10.95 -26.40 -13.92
CA GLY B 89 11.00 -27.52 -14.85
C GLY B 89 12.17 -27.44 -15.82
N ARG B 90 13.19 -26.67 -15.46
CA ARG B 90 14.24 -26.32 -16.40
C ARG B 90 15.61 -26.48 -15.74
N ASP B 91 16.62 -26.62 -16.59
CA ASP B 91 18.01 -26.56 -16.13
C ASP B 91 18.32 -25.07 -16.04
N GLU B 92 17.94 -24.49 -14.90
CA GLU B 92 17.70 -23.06 -14.82
C GLU B 92 18.97 -22.25 -15.10
N ALA B 93 18.86 -21.28 -16.00
CA ALA B 93 19.89 -20.25 -16.17
C ALA B 93 20.30 -19.64 -14.85
N ARG B 94 21.55 -19.85 -14.43
CA ARG B 94 21.96 -19.55 -13.07
C ARG B 94 23.48 -19.43 -13.02
N LEU B 95 24.00 -19.03 -11.85
CA LEU B 95 25.42 -18.79 -11.66
C LEU B 95 26.04 -19.66 -10.59
N THR B 96 25.24 -20.35 -9.79
CA THR B 96 25.48 -21.37 -8.77
C THR B 96 25.54 -22.75 -9.43
N PRO B 97 26.37 -23.66 -8.94
CA PRO B 97 26.42 -24.99 -9.56
C PRO B 97 25.12 -25.79 -9.44
N LEU B 98 24.39 -25.67 -8.32
CA LEU B 98 23.07 -26.29 -8.17
C LEU B 98 21.97 -25.24 -8.12
N VAL B 99 20.78 -25.64 -8.59
CA VAL B 99 19.58 -24.82 -8.47
C VAL B 99 19.16 -24.73 -7.01
N ILE B 100 18.90 -23.50 -6.54
CA ILE B 100 18.53 -23.24 -5.15
C ILE B 100 17.02 -23.37 -5.01
N ARG B 101 16.58 -23.99 -3.93
CA ARG B 101 15.16 -23.98 -3.59
C ARG B 101 14.85 -22.67 -2.87
N THR B 102 13.98 -21.86 -3.48
CA THR B 102 13.75 -20.48 -3.05
C THR B 102 12.35 -20.24 -2.48
N SER B 103 11.62 -21.29 -2.14
CA SER B 103 10.31 -21.17 -1.50
C SER B 103 9.35 -20.26 -2.25
N VAL B 104 8.85 -19.24 -1.54
CA VAL B 104 7.88 -18.30 -2.11
C VAL B 104 8.46 -17.54 -3.31
N MET B 105 9.79 -17.47 -3.41
CA MET B 105 10.49 -16.81 -4.52
C MET B 105 10.59 -17.72 -5.76
N GLY B 106 10.14 -18.97 -5.69
CA GLY B 106 10.30 -19.87 -6.80
C GLY B 106 8.97 -20.39 -7.33
N VAL B 107 7.87 -19.76 -6.90
CA VAL B 107 6.51 -20.17 -7.24
C VAL B 107 5.74 -18.93 -7.68
N ASP B 108 4.66 -19.18 -8.42
CA ASP B 108 3.71 -18.21 -8.95
C ASP B 108 2.38 -18.31 -8.20
N PRO B 109 1.52 -17.30 -8.31
CA PRO B 109 0.14 -17.44 -7.81
C PRO B 109 -0.52 -18.66 -8.41
N PRO B 110 -1.36 -19.39 -7.65
CA PRO B 110 -1.79 -19.08 -6.28
C PRO B 110 -0.92 -19.64 -5.13
N ASP B 111 0.11 -20.43 -5.43
CA ASP B 111 0.97 -20.94 -4.37
C ASP B 111 1.76 -19.82 -3.70
N HIS B 112 2.15 -18.80 -4.46
CA HIS B 112 2.85 -17.66 -3.89
C HIS B 112 1.97 -16.92 -2.89
N THR B 113 0.76 -16.55 -3.33
CA THR B 113 -0.24 -15.95 -2.45
C THR B 113 -0.44 -16.77 -1.18
N ARG B 114 -0.61 -18.09 -1.32
CA ARG B 114 -0.87 -18.94 -0.17
C ARG B 114 0.30 -18.93 0.80
N LEU B 115 1.53 -18.97 0.28
CA LEU B 115 2.71 -19.00 1.15
C LEU B 115 3.05 -17.62 1.72
N ARG B 116 2.92 -16.55 0.91
CA ARG B 116 3.23 -15.24 1.46
C ARG B 116 2.22 -14.82 2.53
N ARG B 117 0.94 -15.25 2.41
CA ARG B 117 -0.07 -15.00 3.43
C ARG B 117 0.38 -15.38 4.83
N LEU B 118 1.24 -16.39 4.94
CA LEU B 118 1.58 -16.97 6.24
C LEU B 118 2.58 -16.13 7.03
N VAL B 119 3.30 -15.24 6.36
CA VAL B 119 4.34 -14.46 7.00
C VAL B 119 4.24 -12.97 6.68
N ALA B 120 3.27 -12.56 5.88
CA ALA B 120 3.18 -11.15 5.49
C ALA B 120 2.99 -10.23 6.70
N THR B 121 2.23 -10.67 7.71
CA THR B 121 1.90 -9.81 8.83
C THR B 121 3.06 -9.65 9.82
N ALA B 122 3.90 -10.66 9.98
CA ALA B 122 5.09 -10.49 10.81
C ALA B 122 6.13 -9.57 10.19
N PHE B 123 6.15 -9.41 8.86
CA PHE B 123 7.19 -8.66 8.19
C PHE B 123 6.70 -7.29 7.69
N SER B 124 5.41 -7.01 7.84
CA SER B 124 4.82 -5.74 7.44
C SER B 124 5.41 -4.59 8.27
N ARG B 125 5.25 -3.37 7.77
CA ARG B 125 5.94 -2.26 8.39
C ARG B 125 5.46 -2.05 9.82
N ARG B 126 4.15 -2.20 10.08
CA ARG B 126 3.65 -2.05 11.45
C ARG B 126 4.18 -3.15 12.36
N GLY B 127 4.19 -4.40 11.88
CA GLY B 127 4.75 -5.49 12.67
C GLY B 127 6.24 -5.35 12.95
N VAL B 128 6.98 -4.75 12.00
CA VAL B 128 8.41 -4.50 12.24
C VAL B 128 8.61 -3.36 13.24
N GLU B 129 7.63 -2.48 13.40
CA GLU B 129 7.80 -1.36 14.33
C GLU B 129 7.86 -1.82 15.78
N HIS B 130 7.24 -2.96 16.11
CA HIS B 130 7.25 -3.43 17.48
C HIS B 130 8.58 -4.07 17.86
N LEU B 131 9.48 -4.25 16.89
CA LEU B 131 10.81 -4.75 17.18
C LEU B 131 11.84 -3.65 17.30
N ARG B 132 11.50 -2.43 16.89
CA ARG B 132 12.40 -1.30 17.03
C ARG B 132 12.95 -1.12 18.44
N PRO B 133 12.19 -1.35 19.52
CA PRO B 133 12.83 -1.30 20.85
C PRO B 133 13.97 -2.29 21.02
N GLY B 134 13.76 -3.57 20.71
CA GLY B 134 14.81 -4.55 20.93
C GLY B 134 15.98 -4.41 19.98
N ILE B 135 15.71 -3.92 18.77
CA ILE B 135 16.77 -3.59 17.82
C ILE B 135 17.61 -2.42 18.34
N THR B 136 16.95 -1.35 18.77
CA THR B 136 17.66 -0.22 19.35
C THR B 136 18.41 -0.65 20.59
N ALA B 137 17.73 -1.38 21.48
CA ALA B 137 18.40 -1.90 22.66
C ALA B 137 19.67 -2.66 22.30
N LEU B 138 19.57 -3.54 21.30
CA LEU B 138 20.72 -4.36 20.87
C LEU B 138 21.85 -3.50 20.31
N VAL B 139 21.52 -2.58 19.38
CA VAL B 139 22.58 -1.73 18.79
C VAL B 139 23.29 -0.94 19.89
N ARG B 140 22.54 -0.38 20.85
CA ARG B 140 23.18 0.38 21.92
C ARG B 140 24.16 -0.48 22.71
N ARG B 141 23.77 -1.71 23.04
CA ARG B 141 24.71 -2.66 23.65
C ARG B 141 25.95 -2.85 22.78
N LEU B 142 25.77 -2.93 21.46
CA LEU B 142 26.89 -3.20 20.56
C LEU B 142 27.88 -2.04 20.53
N THR B 143 27.38 -0.80 20.45
CA THR B 143 28.25 0.37 20.49
C THR B 143 28.72 0.70 21.91
N ASP B 144 27.87 0.50 22.92
CA ASP B 144 28.37 0.57 24.29
C ASP B 144 29.57 -0.34 24.46
N ASP B 145 29.45 -1.59 23.99
CA ASP B 145 30.57 -2.51 24.17
C ASP B 145 31.78 -2.09 23.35
N MET B 146 31.55 -1.54 22.16
CA MET B 146 32.66 -0.98 21.38
C MET B 146 33.41 0.07 22.18
N VAL B 147 32.71 1.14 22.60
CA VAL B 147 33.29 2.17 23.46
C VAL B 147 34.00 1.55 24.66
N GLY B 148 33.40 0.52 25.25
CA GLY B 148 34.00 -0.09 26.42
C GLY B 148 35.29 -0.83 26.12
N GLN B 149 35.47 -1.28 24.88
CA GLN B 149 36.62 -2.08 24.51
C GLN B 149 37.71 -1.28 23.82
N GLY B 150 37.35 -0.21 23.11
CA GLY B 150 38.34 0.64 22.49
C GLY B 150 38.80 0.17 21.12
N PRO B 151 39.19 1.12 20.26
CA PRO B 151 39.60 0.79 18.89
C PRO B 151 41.00 0.20 18.89
N PRO B 152 41.43 -0.44 17.77
CA PRO B 152 40.70 -0.65 16.52
C PRO B 152 39.73 -1.83 16.61
N VAL B 153 38.72 -1.82 15.74
CA VAL B 153 37.61 -2.77 15.82
C VAL B 153 37.21 -3.15 14.40
N ASP B 154 37.19 -4.44 14.12
CA ASP B 154 36.56 -4.94 12.91
C ASP B 154 35.05 -4.71 13.02
N LEU B 155 34.52 -3.81 12.20
CA LEU B 155 33.10 -3.47 12.30
C LEU B 155 32.21 -4.60 11.82
N VAL B 156 32.69 -5.44 10.91
CA VAL B 156 31.87 -6.56 10.44
C VAL B 156 31.61 -7.55 11.56
N ARG B 157 32.67 -7.90 12.31
CA ARG B 157 32.58 -8.91 13.37
C ARG B 157 31.96 -8.36 14.64
N SER B 158 32.22 -7.09 14.96
CA SER B 158 31.77 -6.52 16.21
C SER B 158 30.39 -5.89 16.11
N PHE B 159 29.79 -5.83 14.93
CA PHE B 159 28.56 -5.05 14.78
C PHE B 159 27.63 -5.57 13.70
N VAL B 160 28.13 -5.72 12.46
CA VAL B 160 27.23 -6.07 11.35
C VAL B 160 26.71 -7.50 11.51
N THR B 161 27.57 -8.43 11.94
CA THR B 161 27.13 -9.82 12.03
C THR B 161 26.20 -10.08 13.20
N PRO B 162 26.49 -9.64 14.44
CA PRO B 162 25.56 -9.93 15.54
C PRO B 162 24.25 -9.20 15.43
N LEU B 163 24.22 -8.00 14.84
CA LEU B 163 22.96 -7.28 14.69
C LEU B 163 22.02 -8.01 13.73
N SER B 164 22.47 -8.28 12.51
CA SER B 164 21.57 -8.95 11.57
C SER B 164 21.33 -10.39 11.96
N GLY B 165 22.35 -11.05 12.52
CA GLY B 165 22.17 -12.39 13.06
C GLY B 165 21.18 -12.43 14.20
N LEU B 166 21.47 -11.73 15.30
CA LEU B 166 20.57 -11.76 16.46
C LEU B 166 19.16 -11.29 16.11
N VAL B 167 19.02 -10.35 15.17
CA VAL B 167 17.69 -9.83 14.84
C VAL B 167 16.85 -10.88 14.12
N ILE B 168 17.42 -11.59 13.13
CA ILE B 168 16.61 -12.52 12.35
C ILE B 168 16.33 -13.80 13.13
N CYS B 169 17.33 -14.29 13.87
CA CYS B 169 17.14 -15.51 14.65
C CYS B 169 16.06 -15.35 15.70
N ASP B 170 16.02 -14.21 16.38
CA ASP B 170 14.99 -13.96 17.40
C ASP B 170 13.60 -13.98 16.78
N LEU B 171 13.41 -13.25 15.68
CA LEU B 171 12.14 -13.29 14.95
C LEU B 171 11.78 -14.72 14.54
N LEU B 172 12.77 -15.48 14.05
CA LEU B 172 12.48 -16.76 13.41
C LEU B 172 12.25 -17.86 14.42
N GLY B 173 13.03 -17.89 15.49
CA GLY B 173 13.07 -19.02 16.36
C GLY B 173 14.24 -19.93 16.12
N VAL B 174 15.27 -19.45 15.42
CA VAL B 174 16.50 -20.18 15.15
C VAL B 174 17.46 -19.82 16.26
N PRO B 175 18.08 -20.77 16.95
CA PRO B 175 18.99 -20.42 18.06
C PRO B 175 20.26 -19.79 17.50
N TYR B 176 20.55 -18.55 17.94
CA TYR B 176 21.75 -17.87 17.47
C TYR B 176 23.03 -18.45 18.08
N ALA B 177 22.91 -19.28 19.12
CA ALA B 177 24.03 -20.07 19.61
C ALA B 177 24.48 -21.13 18.59
N ASP B 178 23.63 -21.48 17.64
CA ASP B 178 23.90 -22.53 16.67
C ASP B 178 24.66 -22.03 15.45
N ARG B 179 24.84 -20.71 15.29
CA ARG B 179 25.58 -20.20 14.14
C ARG B 179 26.94 -20.86 14.02
N SER B 180 27.48 -21.38 15.13
CA SER B 180 28.72 -22.16 15.10
C SER B 180 28.69 -23.21 13.99
N ARG B 181 27.56 -23.90 13.81
CA ARG B 181 27.46 -24.94 12.78
C ARG B 181 26.77 -24.48 11.50
N PHE B 182 25.63 -23.78 11.58
CA PHE B 182 24.89 -23.49 10.35
C PHE B 182 25.48 -22.37 9.51
N ARG B 183 26.38 -21.54 10.05
CA ARG B 183 26.94 -20.47 9.22
C ARG B 183 27.88 -21.01 8.14
N HIS B 184 28.61 -22.09 8.45
CA HIS B 184 29.41 -22.83 7.46
C HIS B 184 28.56 -23.25 6.26
N TRP B 185 27.31 -23.67 6.51
CA TRP B 185 26.42 -24.14 5.46
C TRP B 185 25.69 -23.01 4.75
N LEU B 186 25.64 -21.81 5.34
CA LEU B 186 24.98 -20.68 4.70
C LEU B 186 25.81 -20.18 3.51
N GLU B 187 27.14 -20.25 3.62
CA GLU B 187 28.03 -19.78 2.54
C GLU B 187 27.72 -20.49 1.23
N ALA B 188 27.38 -21.79 1.31
CA ALA B 188 27.25 -22.59 0.10
C ALA B 188 26.02 -22.19 -0.71
N PHE B 189 25.00 -21.61 -0.07
CA PHE B 189 23.83 -21.18 -0.81
C PHE B 189 24.15 -20.01 -1.74
N PHE B 190 25.19 -19.24 -1.42
CA PHE B 190 25.57 -18.04 -2.16
C PHE B 190 26.74 -18.28 -3.10
N SER B 191 27.32 -19.48 -3.07
CA SER B 191 28.59 -19.74 -3.74
C SER B 191 28.43 -19.75 -5.26
N ILE B 192 29.25 -18.95 -5.95
CA ILE B 192 29.36 -19.02 -7.40
C ILE B 192 30.62 -19.83 -7.71
N THR B 193 31.78 -19.27 -7.40
CA THR B 193 33.07 -19.91 -7.64
C THR B 193 33.87 -20.11 -6.36
N ALA B 194 33.26 -19.88 -5.20
CA ALA B 194 34.01 -20.06 -3.96
C ALA B 194 34.08 -21.52 -3.55
N LEU B 195 33.08 -22.31 -3.88
CA LEU B 195 33.03 -23.69 -3.42
C LEU B 195 32.79 -24.63 -4.58
N PRO B 196 33.40 -25.82 -4.53
CA PRO B 196 33.09 -26.84 -5.54
C PRO B 196 31.67 -27.36 -5.37
N ALA B 197 31.07 -27.79 -6.47
CA ALA B 197 29.68 -28.23 -6.44
C ALA B 197 29.46 -29.38 -5.48
N ASP B 198 30.51 -30.16 -5.16
CA ASP B 198 30.38 -31.26 -4.22
C ASP B 198 30.21 -30.74 -2.79
N GLU B 199 31.13 -29.91 -2.33
CA GLU B 199 30.99 -29.31 -1.00
C GLU B 199 29.72 -28.48 -0.91
N VAL B 200 29.23 -27.97 -2.04
CA VAL B 200 28.02 -27.14 -2.03
C VAL B 200 26.80 -27.99 -1.68
N ALA B 201 26.64 -29.14 -2.36
CA ALA B 201 25.51 -30.02 -2.07
C ALA B 201 25.62 -30.71 -0.72
N VAL B 202 26.84 -30.85 -0.18
CA VAL B 202 27.01 -31.41 1.16
C VAL B 202 26.43 -30.47 2.21
N ARG B 203 26.75 -29.17 2.09
CA ARG B 203 26.31 -28.19 3.08
C ARG B 203 24.83 -27.87 2.95
N ILE B 204 24.30 -27.90 1.72
CA ILE B 204 22.92 -27.52 1.49
C ILE B 204 21.97 -28.56 2.09
N GLU B 205 22.39 -29.83 2.09
CA GLU B 205 21.58 -30.87 2.71
C GLU B 205 21.86 -31.00 4.20
N ALA B 206 23.09 -30.68 4.63
CA ALA B 206 23.35 -30.49 6.06
C ALA B 206 22.39 -29.46 6.65
N MET B 207 22.13 -28.39 5.91
CA MET B 207 21.28 -27.29 6.37
C MET B 207 19.80 -27.67 6.34
N TYR B 208 19.38 -28.39 5.29
CA TYR B 208 17.99 -28.81 5.20
C TYR B 208 17.64 -29.85 6.26
N GLY B 209 18.64 -30.46 6.90
CA GLY B 209 18.43 -31.36 8.01
C GLY B 209 18.45 -30.66 9.36
N TYR B 210 19.40 -29.73 9.55
CA TYR B 210 19.35 -28.86 10.73
C TYR B 210 18.02 -28.11 10.81
N ILE B 211 17.55 -27.56 9.68
CA ILE B 211 16.24 -26.92 9.65
C ILE B 211 15.16 -27.89 10.13
N ALA B 212 15.08 -29.06 9.50
CA ALA B 212 14.08 -30.05 9.90
C ALA B 212 14.22 -30.46 11.36
N GLU B 213 15.43 -30.39 11.94
CA GLU B 213 15.63 -30.68 13.35
C GLU B 213 14.84 -29.72 14.25
N LEU B 214 14.85 -28.43 13.91
CA LEU B 214 14.13 -27.40 14.67
C LEU B 214 12.64 -27.43 14.38
N VAL B 215 12.24 -27.85 13.18
CA VAL B 215 10.84 -28.16 12.90
C VAL B 215 10.34 -29.35 13.73
N ALA B 216 11.25 -30.14 14.28
CA ALA B 216 10.86 -31.28 15.11
C ALA B 216 10.53 -30.83 16.53
N LEU B 217 11.38 -29.99 17.13
CA LEU B 217 11.16 -29.53 18.51
C LEU B 217 9.79 -28.88 18.66
N ARG B 218 9.33 -28.16 17.64
CA ARG B 218 8.12 -27.35 17.73
C ARG B 218 6.83 -28.16 17.60
N ARG B 219 6.91 -29.42 17.21
CA ARG B 219 5.74 -30.29 17.27
C ARG B 219 5.58 -30.94 18.64
N ALA B 220 6.66 -31.03 19.41
CA ALA B 220 6.63 -31.56 20.78
C ALA B 220 6.40 -30.48 21.83
N GLU B 221 6.88 -29.26 21.60
CA GLU B 221 6.69 -28.16 22.56
C GLU B 221 6.63 -26.86 21.77
N PRO B 222 5.42 -26.41 21.39
CA PRO B 222 5.32 -25.27 20.47
C PRO B 222 6.03 -24.05 21.00
N THR B 223 6.45 -23.19 20.07
CA THR B 223 7.20 -21.98 20.40
C THR B 223 6.47 -20.74 19.95
N GLU B 224 6.87 -19.62 20.56
CA GLU B 224 6.26 -18.32 20.33
C GLU B 224 7.15 -17.49 19.41
N ASP B 225 7.35 -18.02 18.21
CA ASP B 225 8.21 -17.35 17.23
C ASP B 225 7.68 -17.70 15.85
N LEU B 226 8.43 -17.26 14.83
CA LEU B 226 7.96 -17.42 13.46
C LEU B 226 7.88 -18.89 13.07
N LEU B 227 8.94 -19.66 13.36
CA LEU B 227 8.93 -21.10 13.11
C LEU B 227 7.77 -21.77 13.83
N GLY B 228 7.57 -21.43 15.12
CA GLY B 228 6.44 -21.93 15.86
C GLY B 228 5.11 -21.75 15.14
N GLY B 229 4.88 -20.56 14.60
CA GLY B 229 3.62 -20.33 13.93
C GLY B 229 3.48 -20.98 12.57
N LEU B 230 4.61 -21.28 11.91
CA LEU B 230 4.49 -21.88 10.59
C LEU B 230 4.30 -23.39 10.66
N VAL B 231 4.83 -24.05 11.69
CA VAL B 231 4.51 -25.46 11.90
C VAL B 231 3.03 -25.62 12.28
N ARG B 232 2.51 -24.78 13.18
CA ARG B 232 1.09 -24.83 13.51
C ARG B 232 0.21 -24.44 12.34
N ALA B 233 0.76 -23.78 11.32
CA ALA B 233 -0.01 -23.50 10.11
C ALA B 233 0.05 -24.69 9.17
N ARG B 234 1.17 -25.41 9.17
CA ARG B 234 1.26 -26.65 8.42
C ARG B 234 0.44 -27.75 9.11
N ASP B 235 0.63 -27.92 10.42
CA ASP B 235 0.06 -29.05 11.15
C ASP B 235 -1.43 -28.89 11.38
N ARG B 236 -1.94 -27.66 11.42
CA ARG B 236 -3.33 -27.44 11.80
C ARG B 236 -4.17 -26.84 10.69
N ASP B 237 -3.55 -26.23 9.68
CA ASP B 237 -4.30 -25.85 8.49
C ASP B 237 -3.85 -26.59 7.24
N GLY B 238 -2.71 -27.27 7.29
CA GLY B 238 -2.14 -27.81 6.06
C GLY B 238 -2.07 -26.79 4.95
N SER B 239 -1.71 -25.55 5.28
CA SER B 239 -1.61 -24.47 4.30
C SER B 239 -0.29 -24.49 3.54
N CYS B 240 0.66 -25.31 3.97
CA CYS B 240 1.88 -25.55 3.22
C CYS B 240 2.31 -27.00 3.47
N SER B 241 3.21 -27.49 2.62
CA SER B 241 3.67 -28.87 2.73
C SER B 241 4.90 -28.91 3.62
N GLU B 242 5.40 -30.12 3.89
CA GLU B 242 6.54 -30.25 4.79
C GLU B 242 7.81 -29.72 4.18
N GLU B 243 7.87 -29.71 2.85
CA GLU B 243 9.02 -29.22 2.12
C GLU B 243 8.94 -27.72 1.93
N GLU B 244 7.76 -27.23 1.50
CA GLU B 244 7.50 -25.79 1.54
C GLU B 244 7.81 -25.20 2.91
N LEU B 245 7.50 -25.95 3.98
CA LEU B 245 7.76 -25.42 5.31
C LEU B 245 9.24 -25.36 5.62
N VAL B 246 10.00 -26.40 5.22
CA VAL B 246 11.45 -26.38 5.43
C VAL B 246 12.11 -25.34 4.52
N ASP B 247 11.58 -25.15 3.30
CA ASP B 247 12.16 -24.18 2.36
C ASP B 247 11.91 -22.75 2.81
N LEU B 248 10.64 -22.43 3.12
CA LEU B 248 10.30 -21.11 3.66
C LEU B 248 11.17 -20.76 4.86
N ALA B 249 11.38 -21.73 5.74
CA ALA B 249 12.21 -21.51 6.93
C ALA B 249 13.66 -21.22 6.56
N ASN B 250 14.25 -22.04 5.70
CA ASN B 250 15.64 -21.82 5.31
C ASN B 250 15.81 -20.50 4.56
N VAL B 251 14.91 -20.24 3.61
CA VAL B 251 15.01 -19.04 2.77
C VAL B 251 14.97 -17.78 3.60
N LEU B 252 14.23 -17.80 4.72
CA LEU B 252 14.17 -16.65 5.62
C LEU B 252 15.43 -16.52 6.47
N LEU B 253 16.10 -17.63 6.78
CA LEU B 253 17.32 -17.50 7.57
C LEU B 253 18.50 -17.04 6.73
N LEU B 254 18.51 -17.35 5.43
CA LEU B 254 19.61 -16.91 4.55
C LEU B 254 19.64 -15.40 4.45
N ALA B 255 18.47 -14.81 4.19
CA ALA B 255 18.35 -13.38 3.94
C ALA B 255 18.60 -12.56 5.21
N GLY B 256 17.92 -12.92 6.30
CA GLY B 256 18.09 -12.16 7.52
C GLY B 256 19.50 -12.24 8.07
N TYR B 257 20.18 -13.35 7.85
CA TYR B 257 21.52 -13.52 8.41
C TYR B 257 22.61 -13.02 7.48
N HIS B 258 22.49 -13.26 6.18
CA HIS B 258 23.61 -13.04 5.27
C HIS B 258 23.39 -11.91 4.29
N THR B 259 22.25 -11.87 3.58
CA THR B 259 21.97 -10.77 2.67
C THR B 259 21.98 -9.43 3.42
N THR B 260 21.41 -9.42 4.64
CA THR B 260 21.28 -8.18 5.41
C THR B 260 22.63 -7.66 5.88
N ALA B 261 23.48 -8.56 6.38
CA ALA B 261 24.82 -8.14 6.78
C ALA B 261 25.63 -7.63 5.59
N SER B 262 25.43 -8.21 4.41
CA SER B 262 26.17 -7.81 3.23
C SER B 262 25.81 -6.39 2.78
N GLN B 263 24.53 -6.04 2.85
CA GLN B 263 24.13 -4.67 2.55
C GLN B 263 24.72 -3.70 3.54
N LEU B 264 24.61 -4.02 4.84
CA LEU B 264 25.06 -3.09 5.86
C LEU B 264 26.59 -2.98 5.87
N ALA B 265 27.29 -4.10 5.71
CA ALA B 265 28.74 -4.04 5.64
C ALA B 265 29.21 -3.23 4.44
N SER B 266 28.41 -3.21 3.37
CA SER B 266 28.76 -2.48 2.15
C SER B 266 28.31 -1.02 2.22
N SER B 267 27.08 -0.75 2.69
CA SER B 267 26.69 0.61 3.04
C SER B 267 27.75 1.27 3.91
N LEU B 268 28.17 0.58 4.98
CA LEU B 268 29.17 1.14 5.86
C LEU B 268 30.47 1.43 5.14
N PHE B 269 30.92 0.52 4.26
CA PHE B 269 32.16 0.76 3.50
C PHE B 269 32.04 2.04 2.67
N VAL B 270 30.86 2.32 2.11
CA VAL B 270 30.65 3.49 1.26
C VAL B 270 30.79 4.78 2.07
N LEU B 271 30.12 4.84 3.22
CA LEU B 271 30.21 6.04 4.06
C LEU B 271 31.59 6.23 4.65
N LEU B 272 32.34 5.14 4.84
CA LEU B 272 33.69 5.23 5.42
C LEU B 272 34.74 5.64 4.41
N THR B 273 34.45 5.57 3.11
CA THR B 273 35.39 5.97 2.07
C THR B 273 34.86 7.09 1.19
N GLN B 274 33.62 7.50 1.37
CA GLN B 274 33.13 8.80 0.92
C GLN B 274 32.72 9.62 2.16
N PRO B 275 33.67 9.97 3.04
CA PRO B 275 33.27 10.41 4.38
C PRO B 275 32.40 11.66 4.37
N GLU B 276 32.58 12.54 3.39
CA GLU B 276 31.80 13.77 3.30
C GLU B 276 30.30 13.51 3.27
N HIS B 277 29.88 12.25 3.01
CA HIS B 277 28.46 11.86 3.10
C HIS B 277 28.10 11.31 4.46
N ALA B 278 29.05 10.64 5.13
CA ALA B 278 28.85 10.20 6.50
C ALA B 278 28.80 11.39 7.45
N GLU B 279 29.47 12.49 7.10
CA GLU B 279 29.37 13.72 7.87
C GLU B 279 28.05 14.42 7.59
N LEU B 280 27.58 14.38 6.35
CA LEU B 280 26.24 14.91 6.06
C LEU B 280 25.16 14.20 6.87
N LEU B 281 25.27 12.88 7.03
CA LEU B 281 24.21 12.16 7.74
C LEU B 281 24.39 12.25 9.25
N ARG B 282 25.63 12.41 9.72
CA ARG B 282 25.86 12.67 11.14
C ARG B 282 25.31 14.04 11.54
N SER B 283 25.48 15.03 10.67
CA SER B 283 25.00 16.37 10.97
C SER B 283 23.49 16.43 10.96
N ARG B 284 22.86 15.75 9.98
CA ARG B 284 21.41 15.66 9.86
C ARG B 284 20.97 14.21 9.97
N PRO B 285 20.69 13.71 11.18
CA PRO B 285 20.28 12.29 11.32
C PRO B 285 18.87 11.99 10.81
N GLU B 286 18.08 13.00 10.46
CA GLU B 286 16.72 12.82 9.99
C GLU B 286 16.67 12.46 8.51
N LEU B 287 17.80 12.51 7.82
CA LEU B 287 17.95 11.95 6.49
C LEU B 287 17.97 10.43 6.49
N ALA B 288 17.83 9.79 7.67
CA ALA B 288 18.05 8.35 7.76
C ALA B 288 17.08 7.54 6.90
N PRO B 289 15.77 7.79 6.90
CA PRO B 289 14.91 7.06 5.95
C PRO B 289 15.29 7.31 4.49
N ARG B 290 15.88 8.48 4.19
CA ARG B 290 16.33 8.83 2.83
C ARG B 290 17.69 8.21 2.52
N ALA B 291 18.59 8.16 3.50
CA ALA B 291 19.95 7.66 3.28
C ALA B 291 19.99 6.14 3.20
N VAL B 292 19.02 5.47 3.81
CA VAL B 292 18.92 4.01 3.71
C VAL B 292 18.41 3.64 2.33
N GLU B 293 17.35 4.30 1.87
CA GLU B 293 16.86 4.06 0.51
C GLU B 293 17.96 4.28 -0.54
N GLU B 294 18.74 5.34 -0.38
CA GLU B 294 19.79 5.64 -1.36
C GLU B 294 21.00 4.69 -1.23
N LEU B 295 21.32 4.23 -0.03
CA LEU B 295 22.38 3.24 0.10
C LEU B 295 21.93 1.85 -0.34
N LEU B 296 20.62 1.59 -0.42
CA LEU B 296 20.12 0.37 -1.05
C LEU B 296 20.23 0.44 -2.57
N ARG B 297 19.79 1.57 -3.16
CA ARG B 297 19.91 1.78 -4.60
C ARG B 297 21.37 1.81 -5.06
N TYR B 298 22.21 2.52 -4.33
CA TYR B 298 23.56 2.80 -4.82
C TYR B 298 24.49 1.60 -4.64
N VAL B 299 24.50 1.00 -3.45
CA VAL B 299 25.39 -0.13 -3.16
C VAL B 299 24.93 -1.33 -3.97
N PRO B 300 25.70 -1.77 -4.99
CA PRO B 300 25.24 -2.91 -5.78
C PRO B 300 25.44 -4.21 -5.01
N LEU B 301 24.41 -4.63 -4.26
CA LEU B 301 24.54 -5.76 -3.35
C LEU B 301 24.54 -7.08 -4.12
N ILE B 302 23.70 -7.19 -5.14
CA ILE B 302 23.71 -8.39 -5.95
C ILE B 302 24.98 -8.37 -6.80
N ALA B 303 25.82 -9.40 -6.64
CA ALA B 303 27.06 -9.46 -7.37
C ALA B 303 26.84 -9.39 -8.87
N HIS B 304 25.71 -9.90 -9.37
CA HIS B 304 25.47 -9.88 -10.81
C HIS B 304 24.00 -9.67 -11.19
N VAL B 305 23.20 -10.73 -11.14
CA VAL B 305 21.80 -10.70 -11.54
C VAL B 305 20.99 -11.36 -10.43
N THR B 306 19.69 -11.19 -10.46
CA THR B 306 18.80 -11.92 -9.58
C THR B 306 18.26 -13.18 -10.30
N PHE B 307 17.44 -13.96 -9.58
CA PHE B 307 16.89 -15.21 -10.10
C PHE B 307 16.20 -14.99 -11.43
N ALA B 308 16.23 -16.01 -12.26
CA ALA B 308 15.77 -15.92 -13.63
C ALA B 308 14.29 -16.25 -13.72
N ARG B 309 13.63 -15.61 -14.66
CA ARG B 309 12.27 -15.92 -15.05
C ARG B 309 12.31 -16.67 -16.38
N TYR B 310 11.23 -17.37 -16.71
CA TYR B 310 11.09 -18.00 -18.03
C TYR B 310 9.78 -17.52 -18.61
N ALA B 311 9.85 -16.81 -19.72
CA ALA B 311 8.64 -16.40 -20.42
C ALA B 311 7.73 -17.59 -20.65
N THR B 312 6.41 -17.36 -20.51
CA THR B 312 5.40 -18.38 -20.77
C THR B 312 4.67 -18.10 -22.06
N GLU B 313 4.90 -16.93 -22.64
CA GLU B 313 4.47 -16.62 -23.99
C GLU B 313 5.48 -15.63 -24.55
N ASP B 314 5.41 -15.41 -25.86
CA ASP B 314 6.32 -14.46 -26.48
C ASP B 314 6.10 -13.05 -25.93
N VAL B 315 7.19 -12.39 -25.55
CA VAL B 315 7.17 -11.01 -25.04
C VAL B 315 8.23 -10.21 -25.77
N TRP B 316 7.81 -9.18 -26.52
CA TRP B 316 8.75 -8.25 -27.14
C TRP B 316 9.17 -7.19 -26.11
N LEU B 317 10.47 -7.15 -25.79
CA LEU B 317 11.07 -6.07 -25.02
C LEU B 317 12.55 -5.98 -25.40
N GLY B 318 13.16 -4.84 -25.10
CA GLY B 318 14.60 -4.69 -25.33
C GLY B 318 15.03 -5.00 -26.74
N GLY B 319 14.25 -4.55 -27.72
CA GLY B 319 14.50 -4.85 -29.13
C GLY B 319 14.50 -6.32 -29.46
N THR B 320 13.83 -7.15 -28.64
CA THR B 320 13.91 -8.62 -28.71
C THR B 320 12.55 -9.22 -28.45
N LEU B 321 12.08 -10.05 -29.39
CA LEU B 321 11.00 -10.98 -29.09
C LEU B 321 11.58 -12.12 -28.26
N VAL B 322 11.28 -12.13 -26.95
CA VAL B 322 11.66 -13.26 -26.09
C VAL B 322 10.58 -14.33 -26.21
N ARG B 323 10.99 -15.55 -26.51
CA ARG B 323 10.03 -16.61 -26.83
C ARG B 323 9.65 -17.39 -25.57
N ALA B 324 8.50 -18.07 -25.64
CA ALA B 324 8.07 -18.87 -24.51
C ALA B 324 9.12 -19.93 -24.19
N GLY B 325 9.42 -20.08 -22.91
CA GLY B 325 10.42 -21.03 -22.49
C GLY B 325 11.83 -20.49 -22.49
N GLU B 326 12.03 -19.25 -22.93
CA GLU B 326 13.35 -18.63 -22.84
C GLU B 326 13.51 -17.93 -21.51
N ALA B 327 14.72 -18.02 -20.96
CA ALA B 327 15.07 -17.40 -19.70
C ALA B 327 15.51 -15.94 -19.89
N VAL B 328 15.31 -15.14 -18.83
CA VAL B 328 15.77 -13.75 -18.74
C VAL B 328 16.39 -13.57 -17.37
N LEU B 329 17.48 -12.80 -17.31
CA LEU B 329 18.17 -12.49 -16.05
C LEU B 329 18.07 -10.99 -15.76
N PRO B 330 17.42 -10.58 -14.67
CA PRO B 330 17.29 -9.15 -14.35
C PRO B 330 18.57 -8.65 -13.67
N ALA B 331 19.21 -7.64 -14.27
CA ALA B 331 20.42 -7.08 -13.66
C ALA B 331 19.97 -5.90 -12.81
N VAL B 332 19.57 -6.23 -11.56
CA VAL B 332 19.02 -5.21 -10.66
C VAL B 332 20.00 -4.05 -10.44
N PRO B 333 21.27 -4.28 -10.04
CA PRO B 333 22.15 -3.11 -9.78
C PRO B 333 22.30 -2.18 -10.96
N SER B 334 22.18 -2.68 -12.20
CA SER B 334 22.25 -1.84 -13.40
C SER B 334 20.99 -0.99 -13.55
N ALA B 335 19.82 -1.60 -13.37
CA ALA B 335 18.55 -0.90 -13.29
C ALA B 335 18.55 0.22 -12.25
N ASN B 336 19.28 0.04 -11.15
CA ASN B 336 19.37 1.03 -10.09
C ASN B 336 20.28 2.20 -10.41
N ARG B 337 21.01 2.14 -11.53
CA ARG B 337 21.85 3.23 -12.01
C ARG B 337 21.31 3.81 -13.30
N ASP B 338 20.02 3.67 -13.55
CA ASP B 338 19.42 4.07 -14.80
C ASP B 338 19.20 5.58 -14.83
N ALA B 339 19.88 6.26 -15.76
CA ALA B 339 19.79 7.72 -15.87
C ALA B 339 18.48 8.21 -16.43
N GLU B 340 17.58 7.34 -16.86
CA GLU B 340 16.23 7.81 -17.16
C GLU B 340 15.34 7.88 -15.93
N VAL B 341 15.77 7.31 -14.81
CA VAL B 341 14.99 7.29 -13.60
C VAL B 341 15.63 8.12 -12.50
N PHE B 342 16.94 8.01 -12.33
CA PHE B 342 17.68 8.66 -11.26
C PHE B 342 18.45 9.85 -11.82
N ASP B 343 18.55 10.92 -11.03
CA ASP B 343 19.43 12.04 -11.38
C ASP B 343 20.83 11.70 -10.92
N GLU B 344 21.81 11.85 -11.82
CA GLU B 344 23.18 11.43 -11.58
C GLU B 344 23.21 10.11 -10.82
N PRO B 345 22.92 8.98 -11.48
CA PRO B 345 22.78 7.71 -10.74
C PRO B 345 24.09 7.17 -10.17
N ASP B 346 25.24 7.63 -10.62
CA ASP B 346 26.50 7.04 -10.18
C ASP B 346 27.20 7.86 -9.11
N ARG B 347 26.49 8.82 -8.51
CA ARG B 347 26.93 9.56 -7.34
C ARG B 347 26.02 9.24 -6.16
N LEU B 348 26.60 9.17 -4.97
CA LEU B 348 25.80 8.95 -3.77
C LEU B 348 25.15 10.26 -3.34
N ASP B 349 23.81 10.28 -3.34
CA ASP B 349 23.03 11.43 -2.84
C ASP B 349 22.05 10.94 -1.77
N LEU B 350 22.51 10.92 -0.52
CA LEU B 350 21.69 10.53 0.62
C LEU B 350 20.42 11.37 0.80
N THR B 351 20.25 12.46 0.05
CA THR B 351 19.10 13.34 0.23
C THR B 351 18.01 13.12 -0.81
N ARG B 352 18.22 12.23 -1.78
CA ARG B 352 17.20 11.95 -2.78
C ARG B 352 15.92 11.54 -2.09
N ARG B 353 14.81 12.19 -2.44
CA ARG B 353 13.59 12.03 -1.68
C ARG B 353 12.65 10.99 -2.29
N HIS B 354 12.48 11.02 -3.61
CA HIS B 354 11.78 9.98 -4.37
C HIS B 354 12.82 9.04 -4.94
N ASN B 355 12.84 7.80 -4.43
CA ASN B 355 13.89 6.83 -4.73
C ASN B 355 13.23 5.51 -5.16
N PRO B 356 12.75 5.43 -6.44
CA PRO B 356 12.06 4.23 -6.92
C PRO B 356 13.02 3.13 -7.40
N HIS B 357 13.96 2.76 -6.53
CA HIS B 357 14.93 1.71 -6.78
C HIS B 357 14.28 0.32 -6.70
N LEU B 358 15.09 -0.69 -7.09
CA LEU B 358 14.67 -2.09 -7.18
C LEU B 358 15.63 -3.00 -6.40
N ALA B 359 16.32 -2.44 -5.40
CA ALA B 359 17.13 -3.26 -4.50
C ALA B 359 16.31 -4.19 -3.59
N PHE B 360 14.97 -4.13 -3.65
CA PHE B 360 14.08 -5.03 -2.93
C PHE B 360 13.15 -5.76 -3.88
N GLY B 361 13.41 -5.72 -5.17
CA GLY B 361 12.51 -6.28 -6.15
C GLY B 361 11.48 -5.29 -6.66
N HIS B 362 10.51 -5.85 -7.36
CA HIS B 362 9.41 -5.10 -7.91
C HIS B 362 8.25 -6.09 -8.01
N GLY B 363 7.06 -5.65 -7.60
CA GLY B 363 5.85 -6.42 -7.78
C GLY B 363 5.68 -7.62 -6.87
N LEU B 364 5.10 -8.68 -7.46
CA LEU B 364 4.79 -9.93 -6.77
C LEU B 364 5.82 -10.33 -5.73
N HIS B 365 7.11 -10.35 -6.09
CA HIS B 365 8.15 -10.90 -5.22
C HIS B 365 8.96 -9.82 -4.50
N HIS B 366 8.46 -8.58 -4.41
CA HIS B 366 9.17 -7.54 -3.68
C HIS B 366 9.57 -8.06 -2.31
N CYS B 367 10.76 -7.66 -1.85
CA CYS B 367 11.39 -8.26 -0.68
C CYS B 367 10.43 -8.40 0.48
N LEU B 368 10.70 -9.37 1.35
CA LEU B 368 9.79 -9.58 2.46
C LEU B 368 10.24 -8.80 3.68
N GLY B 369 11.53 -8.84 3.98
CA GLY B 369 12.12 -8.09 5.07
C GLY B 369 12.52 -6.69 4.67
N ALA B 370 11.81 -6.11 3.70
CA ALA B 370 12.02 -4.71 3.33
C ALA B 370 11.98 -3.79 4.57
N SER B 371 10.87 -3.83 5.32
CA SER B 371 10.74 -3.05 6.53
C SER B 371 11.78 -3.45 7.58
N LEU B 372 11.98 -4.75 7.78
CA LEU B 372 12.98 -5.17 8.77
C LEU B 372 14.34 -4.59 8.45
N VAL B 373 14.70 -4.54 7.17
CA VAL B 373 16.03 -4.08 6.78
C VAL B 373 16.13 -2.57 6.94
N ARG B 374 15.08 -1.85 6.59
CA ARG B 374 15.04 -0.41 6.79
C ARG B 374 15.21 -0.03 8.25
N VAL B 375 14.56 -0.77 9.15
CA VAL B 375 14.67 -0.46 10.57
C VAL B 375 16.08 -0.77 11.07
N GLN B 376 16.65 -1.89 10.66
CA GLN B 376 18.00 -2.25 11.10
C GLN B 376 19.02 -1.21 10.66
N MET B 377 18.83 -0.65 9.45
CA MET B 377 19.79 0.24 8.83
C MET B 377 19.68 1.66 9.39
N GLU B 378 18.46 2.17 9.51
CA GLU B 378 18.23 3.40 10.27
C GLU B 378 18.91 3.33 11.63
N VAL B 379 18.46 2.43 12.51
CA VAL B 379 18.98 2.40 13.87
C VAL B 379 20.49 2.23 13.87
N ALA B 380 21.02 1.40 12.97
CA ALA B 380 22.47 1.11 13.01
C ALA B 380 23.27 2.32 12.58
N LEU B 381 22.85 3.01 11.52
CA LEU B 381 23.64 4.14 11.00
C LEU B 381 23.53 5.34 11.93
N THR B 382 22.30 5.74 12.28
CA THR B 382 22.09 6.80 13.27
C THR B 382 22.95 6.62 14.51
N MET B 383 22.86 5.46 15.17
CA MET B 383 23.54 5.28 16.45
C MET B 383 25.05 5.08 16.28
N LEU B 384 25.50 4.53 15.14
CA LEU B 384 26.94 4.44 14.87
C LEU B 384 27.54 5.83 14.60
N LEU B 385 26.87 6.62 13.75
CA LEU B 385 27.34 7.96 13.41
C LEU B 385 27.29 8.91 14.60
N GLY B 386 26.21 8.88 15.38
CA GLY B 386 26.12 9.74 16.54
C GLY B 386 27.07 9.36 17.66
N ARG B 387 27.26 8.06 17.89
CA ARG B 387 28.08 7.64 19.01
C ARG B 387 29.57 7.78 18.76
N PHE B 388 30.02 7.73 17.50
CA PHE B 388 31.43 7.87 17.16
C PHE B 388 31.56 8.98 16.13
N PRO B 389 31.74 10.22 16.56
CA PRO B 389 31.67 11.36 15.62
C PRO B 389 32.82 11.36 14.62
N ASP B 390 33.90 10.66 14.95
CA ASP B 390 35.15 10.65 14.21
C ASP B 390 35.53 9.24 13.74
N LEU B 391 34.56 8.34 13.63
CA LEU B 391 34.81 6.99 13.13
C LEU B 391 35.55 7.04 11.81
N ALA B 392 36.45 6.07 11.60
CA ALA B 392 37.28 6.09 10.39
C ALA B 392 37.99 4.77 10.23
N LEU B 393 38.20 4.38 8.97
CA LEU B 393 38.99 3.18 8.68
C LEU B 393 40.38 3.29 9.28
N ALA B 394 40.85 2.18 9.84
CA ALA B 394 42.20 2.04 10.35
C ALA B 394 43.16 1.51 9.29
N ALA B 395 42.77 1.60 8.02
CA ALA B 395 43.58 1.12 6.91
C ALA B 395 43.10 1.83 5.65
N PRO B 396 43.92 1.88 4.60
CA PRO B 396 43.48 2.52 3.35
C PRO B 396 42.29 1.78 2.74
N PRO B 397 41.48 2.45 1.93
CA PRO B 397 40.27 1.80 1.40
C PRO B 397 40.53 0.53 0.59
N ASP B 398 41.63 0.49 -0.18
CA ASP B 398 41.89 -0.64 -1.07
C ASP B 398 42.49 -1.83 -0.34
N GLU B 399 43.03 -1.63 0.85
CA GLU B 399 43.46 -2.76 1.67
C GLU B 399 42.31 -3.48 2.35
N VAL B 400 41.07 -3.04 2.14
CA VAL B 400 39.89 -3.68 2.73
C VAL B 400 39.51 -4.86 1.85
N PRO B 401 39.43 -6.07 2.41
CA PRO B 401 39.25 -7.28 1.60
C PRO B 401 37.79 -7.62 1.40
N TRP B 402 37.50 -8.21 0.25
CA TRP B 402 36.13 -8.42 -0.19
C TRP B 402 35.83 -9.90 -0.41
N THR B 403 34.55 -10.22 -0.32
CA THR B 403 34.08 -11.55 -0.67
C THR B 403 34.29 -11.82 -2.15
N ARG B 404 34.82 -13.00 -2.46
CA ARG B 404 35.11 -13.38 -3.85
C ARG B 404 34.32 -14.62 -4.24
N GLY B 405 33.65 -14.55 -5.39
CA GLY B 405 32.91 -15.68 -5.91
C GLY B 405 31.61 -15.93 -5.20
N MET B 406 30.90 -14.87 -4.81
CA MET B 406 29.66 -15.01 -4.06
C MET B 406 28.61 -14.08 -4.65
N GLN B 407 27.34 -14.41 -4.41
CA GLN B 407 26.21 -13.74 -5.03
C GLN B 407 25.83 -12.43 -4.34
N ALA B 408 26.40 -12.14 -3.17
CA ALA B 408 26.14 -10.89 -2.47
C ALA B 408 27.48 -10.24 -2.15
N ARG B 409 27.69 -9.02 -2.68
CA ARG B 409 28.95 -8.35 -2.43
C ARG B 409 29.03 -7.86 -1.00
N SER B 410 30.19 -8.02 -0.38
CA SER B 410 30.35 -7.48 0.95
C SER B 410 31.83 -7.39 1.29
N PRO B 411 32.24 -6.37 2.04
CA PRO B 411 33.57 -6.42 2.65
C PRO B 411 33.68 -7.58 3.62
N LEU B 412 34.90 -8.09 3.77
CA LEU B 412 35.16 -9.18 4.71
C LEU B 412 35.42 -8.67 6.11
N ARG B 413 36.15 -7.57 6.22
CA ARG B 413 36.50 -6.93 7.47
C ARG B 413 36.43 -5.43 7.25
N LEU B 414 35.98 -4.71 8.26
CA LEU B 414 35.87 -3.25 8.22
C LEU B 414 36.59 -2.69 9.44
N PRO B 415 37.93 -2.70 9.43
CA PRO B 415 38.66 -2.14 10.57
C PRO B 415 38.40 -0.66 10.67
N VAL B 416 37.96 -0.21 11.84
CA VAL B 416 37.67 1.20 12.07
C VAL B 416 38.38 1.66 13.34
N THR B 417 38.50 2.98 13.47
CA THR B 417 39.04 3.64 14.65
C THR B 417 38.23 4.89 14.89
N TRP B 418 38.35 5.45 16.10
CA TRP B 418 37.54 6.62 16.49
C TRP B 418 38.22 7.40 17.60
#